data_6C6Z
#
_entry.id   6C6Z
#
_cell.length_a   60.819
_cell.length_b   166.850
_cell.length_c   184.819
_cell.angle_alpha   90.000
_cell.angle_beta   90.000
_cell.angle_gamma   90.000
#
_symmetry.space_group_name_H-M   'P 21 21 21'
#
loop_
_entity.id
_entity.type
_entity.pdbx_description
1 polymer 'Spike protein'
2 polymer 'Antibody CDC2-C2 heavy chain'
3 polymer 'Antibody CDC2-C2 light chain'
4 non-polymer 2-acetamido-2-deoxy-beta-D-glucopyranose
5 water water
#
loop_
_entity_poly.entity_id
_entity_poly.type
_entity_poly.pdbx_seq_one_letter_code
_entity_poly.pdbx_strand_id
1 'polypeptide(L)'
;EAKPSGSVVEQAEGVECDFSPLLSGTPPQVYNFKRLVFTNCNYNLTKLLSLFSVNDFTCSQISPAAIASNCYSSLILDYF
SYPLSMKSDLSVSSAGPISQFNYKQSFSNPTCLILATVPHNLTTITKPLKYSYINKCSRFLSDDRTEVPQLVNANQYSPC
VSIVPSTVWEDGDYYRKQLSPLEGGGWLVASGSTVAMTEQLQMGFGITVQYGTDTNSVCPKLEGSLEVLFQ
;
A,B
2 'polypeptide(L)'
;QVQLVQSGAEVKKPGSSVKVSCKASGGTFSIYAISWVRQAPGQGLEWMGGIIPIFGTANYAQKFQGRVTITADKSTSTAY
MELSSLRSEDTAVYYCAREGGHQGYCSGGSCYDFDYWGQGTLVTVSSASTKGPSVFPLAPSSKSTSGGTAALGCLVKDYF
PEPVTVSWNSGALTSGVHTFPAVLQSSGLYSLSSVVTVPSSSLGTQTYICNVNHKPSNTKVDKKVEPKSCDKGLEVLFQ
;
C,H
3 'polypeptide(L)'
;DVVMTQSPLSLPVTPGEPASISCRSSQSLLHSNGYNYLDWYLQKPGQSPQLLIYLGSNRASGVPDRFSGSGSGTDFTLKI
SRVEAEDVGVYYCMQALQTPAFGGGTKLEIKRTVAAPSVFIFPPSDEQLKSGTASVVCLLNNFYPREAKVQWKVDNALQS
GNSQESVTEQDSKDSTYSLSSTLTLSKADYEKHKVYACEVTHQGLSSPVTKSFNRGEC
;
D,L
#
# COMPACT_ATOMS: atom_id res chain seq x y z
N VAL A 15 8.01 26.75 60.22
CA VAL A 15 6.70 26.14 59.99
C VAL A 15 6.82 25.02 58.96
N GLU A 16 6.01 23.97 59.13
CA GLU A 16 6.11 22.77 58.33
C GLU A 16 5.06 22.77 57.24
N CYS A 17 5.47 22.43 56.02
CA CYS A 17 4.53 22.28 54.93
C CYS A 17 3.62 21.08 55.19
N ASP A 18 2.33 21.26 54.96
CA ASP A 18 1.32 20.26 55.26
C ASP A 18 0.98 19.47 54.00
N PHE A 19 1.23 18.16 54.03
CA PHE A 19 0.85 17.24 52.96
C PHE A 19 -0.53 16.65 53.16
N SER A 20 -1.25 17.05 54.20
CA SER A 20 -2.56 16.46 54.51
C SER A 20 -3.55 16.46 53.34
N PRO A 21 -3.60 17.47 52.45
CA PRO A 21 -4.51 17.36 51.30
C PRO A 21 -4.38 16.06 50.52
N LEU A 22 -3.19 15.49 50.40
CA LEU A 22 -3.08 14.29 49.60
C LEU A 22 -3.22 13.00 50.41
N LEU A 23 -3.21 13.06 51.74
CA LEU A 23 -3.32 11.82 52.50
C LEU A 23 -4.76 11.37 52.73
N SER A 24 -5.75 12.13 52.27
CA SER A 24 -7.15 11.74 52.42
C SER A 24 -7.90 11.94 51.10
N GLY A 25 -8.69 10.94 50.72
CA GLY A 25 -9.50 11.01 49.51
C GLY A 25 -8.89 10.23 48.35
N THR A 26 -9.58 10.32 47.23
CA THR A 26 -9.21 9.56 46.03
C THR A 26 -8.38 10.44 45.11
N PRO A 27 -7.12 10.08 44.83
CA PRO A 27 -6.29 10.93 43.96
C PRO A 27 -6.84 10.95 42.55
N PRO A 28 -6.84 12.11 41.90
CA PRO A 28 -7.41 12.21 40.55
C PRO A 28 -6.59 11.43 39.53
N GLN A 29 -7.17 11.27 38.34
CA GLN A 29 -6.43 10.67 37.22
C GLN A 29 -5.42 11.68 36.67
N VAL A 30 -4.45 11.17 35.90
CA VAL A 30 -3.28 11.95 35.52
C VAL A 30 -3.68 13.26 34.84
N TYR A 31 -4.67 13.23 33.94
CA TYR A 31 -5.05 14.45 33.24
C TYR A 31 -5.77 15.45 34.14
N ASN A 32 -6.18 15.06 35.33
CA ASN A 32 -6.72 16.01 36.31
C ASN A 32 -5.77 16.19 37.48
N PHE A 33 -4.46 16.14 37.21
CA PHE A 33 -3.48 16.12 38.30
C PHE A 33 -3.77 17.24 39.30
N LYS A 34 -3.69 16.89 40.59
CA LYS A 34 -3.89 17.87 41.64
C LYS A 34 -2.56 18.54 41.95
N ARG A 35 -2.56 19.87 41.96
CA ARG A 35 -1.33 20.65 42.18
C ARG A 35 -1.36 21.30 43.55
N LEU A 36 -0.33 21.04 44.34
CA LEU A 36 -0.09 21.73 45.60
C LEU A 36 1.15 22.61 45.44
N VAL A 37 1.05 23.86 45.89
CA VAL A 37 2.15 24.81 45.78
C VAL A 37 2.58 25.19 47.19
N PHE A 38 3.89 25.05 47.46
CA PHE A 38 4.45 25.32 48.78
C PHE A 38 5.45 26.46 48.69
N THR A 39 5.27 27.46 49.56
CA THR A 39 6.23 28.53 49.77
C THR A 39 6.32 28.82 51.26
N ASN A 40 7.46 29.35 51.69
CA ASN A 40 7.64 29.86 53.06
C ASN A 40 7.36 28.80 54.12
N CYS A 41 7.76 27.56 53.84
CA CYS A 41 7.66 26.51 54.84
C CYS A 41 8.75 25.48 54.56
N ASN A 42 9.11 24.73 55.60
CA ASN A 42 10.09 23.66 55.47
C ASN A 42 9.38 22.35 55.16
N TYR A 43 10.05 21.52 54.37
CA TYR A 43 9.48 20.26 53.97
C TYR A 43 10.61 19.33 53.62
N ASN A 44 10.42 18.06 53.94
CA ASN A 44 11.38 17.03 53.64
C ASN A 44 10.65 16.06 52.72
N LEU A 45 11.07 16.00 51.45
CA LEU A 45 10.39 15.11 50.51
C LEU A 45 10.51 13.66 50.97
N THR A 46 11.68 13.28 51.49
CA THR A 46 11.85 11.91 51.98
C THR A 46 10.87 11.61 53.11
N LYS A 47 10.55 12.60 53.94
CA LYS A 47 9.56 12.39 54.99
C LYS A 47 8.20 12.08 54.40
N LEU A 48 7.80 12.81 53.36
CA LEU A 48 6.55 12.48 52.67
C LEU A 48 6.60 11.09 52.05
N LEU A 49 7.71 10.77 51.39
CA LEU A 49 7.85 9.47 50.74
C LEU A 49 7.97 8.31 51.72
N SER A 50 8.32 8.58 52.98
CA SER A 50 8.38 7.50 53.96
C SER A 50 7.00 6.92 54.26
N LEU A 51 5.93 7.60 53.87
CA LEU A 51 4.57 7.08 54.03
C LEU A 51 4.14 6.19 52.87
N PHE A 52 4.92 6.11 51.80
CA PHE A 52 4.58 5.32 50.63
C PHE A 52 5.63 4.22 50.43
N SER A 53 5.33 3.30 49.51
CA SER A 53 6.31 2.32 49.04
C SER A 53 6.76 2.79 47.65
N VAL A 54 7.93 3.42 47.59
CA VAL A 54 8.43 4.04 46.36
C VAL A 54 8.96 2.99 45.41
N ASN A 55 8.50 3.02 44.16
CA ASN A 55 8.94 2.05 43.18
C ASN A 55 10.00 2.60 42.21
N ASP A 56 9.86 3.86 41.80
CA ASP A 56 10.74 4.44 40.79
C ASP A 56 10.82 5.94 41.04
N PHE A 57 11.96 6.53 40.69
CA PHE A 57 11.98 7.98 40.58
C PHE A 57 12.95 8.37 39.46
N THR A 58 12.63 9.48 38.81
CA THR A 58 13.47 10.07 37.78
C THR A 58 13.56 11.56 38.07
N CYS A 59 14.76 12.10 38.03
CA CYS A 59 14.97 13.53 38.25
C CYS A 59 15.85 14.10 37.15
N SER A 60 15.50 15.30 36.72
CA SER A 60 16.39 16.07 35.85
C SER A 60 16.91 17.30 36.58
N TYR A 72 15.33 27.91 48.28
CA TYR A 72 14.35 27.70 47.22
C TYR A 72 13.23 28.74 47.28
N SER A 73 12.58 28.97 46.15
CA SER A 73 11.49 29.94 46.05
C SER A 73 10.12 29.30 46.22
N SER A 74 9.86 28.20 45.52
CA SER A 74 8.57 27.55 45.62
C SER A 74 8.72 26.09 45.24
N LEU A 75 7.91 25.25 45.89
CA LEU A 75 7.83 23.83 45.56
C LEU A 75 6.45 23.56 44.99
N ILE A 76 6.42 22.93 43.81
CA ILE A 76 5.19 22.50 43.18
C ILE A 76 5.12 20.98 43.25
N LEU A 77 4.04 20.45 43.82
CA LEU A 77 3.83 19.01 43.95
C LEU A 77 2.52 18.65 43.27
N ASP A 78 2.60 17.91 42.16
CA ASP A 78 1.46 17.35 41.47
C ASP A 78 1.33 15.88 41.85
N TYR A 79 0.09 15.42 42.07
CA TYR A 79 -0.11 14.00 42.36
C TYR A 79 -1.39 13.50 41.70
N PHE A 80 -1.41 12.19 41.47
CA PHE A 80 -2.47 11.56 40.71
C PHE A 80 -2.33 10.06 40.84
N SER A 81 -3.46 9.37 40.65
CA SER A 81 -3.44 7.92 40.44
C SER A 81 -2.69 7.62 39.14
N TYR A 82 -1.85 6.59 39.15
CA TYR A 82 -1.10 6.21 37.95
C TYR A 82 -0.59 4.79 38.08
N PRO A 83 -0.85 3.91 37.11
CA PRO A 83 -0.39 2.52 37.21
C PRO A 83 1.09 2.37 36.89
N LEU A 84 1.77 1.57 37.72
CA LEU A 84 3.20 1.33 37.55
C LEU A 84 3.53 0.66 36.21
N SER A 85 2.58 -0.06 35.62
CA SER A 85 2.81 -0.68 34.33
C SER A 85 2.93 0.32 33.19
N MET A 86 2.64 1.60 33.42
CA MET A 86 2.82 2.62 32.41
C MET A 86 4.02 3.52 32.72
N LYS A 87 4.98 3.01 33.49
CA LYS A 87 6.07 3.87 33.92
C LYS A 87 6.90 4.36 32.75
N SER A 88 6.99 3.59 31.66
CA SER A 88 7.76 4.06 30.50
C SER A 88 7.08 5.24 29.81
N ASP A 89 5.77 5.42 29.99
CA ASP A 89 5.05 6.52 29.36
C ASP A 89 5.23 7.82 30.13
N LEU A 90 5.56 7.72 31.42
CA LEU A 90 5.67 8.89 32.27
C LEU A 90 7.13 9.36 32.17
N SER A 91 7.40 10.13 31.13
CA SER A 91 8.75 10.54 30.80
C SER A 91 8.70 11.76 29.89
N VAL A 92 9.62 12.69 30.12
CA VAL A 92 9.78 13.83 29.22
C VAL A 92 10.12 13.36 27.81
N SER A 93 10.80 12.22 27.70
CA SER A 93 11.26 11.74 26.41
C SER A 93 10.13 11.17 25.56
N SER A 94 9.13 10.58 26.20
CA SER A 94 8.17 9.74 25.50
C SER A 94 7.31 10.56 24.53
N ALA A 95 7.17 10.05 23.32
CA ALA A 95 6.19 10.60 22.39
C ALA A 95 4.87 9.86 22.57
N GLY A 96 4.64 9.36 23.78
CA GLY A 96 3.45 8.63 24.12
C GLY A 96 2.32 9.55 24.54
N PRO A 97 1.13 8.99 24.73
CA PRO A 97 -0.04 9.84 25.00
C PRO A 97 0.02 10.55 26.34
N ILE A 98 0.72 10.00 27.34
CA ILE A 98 0.76 10.67 28.63
C ILE A 98 1.47 12.01 28.52
N SER A 99 2.67 12.03 27.92
CA SER A 99 3.38 13.29 27.81
C SER A 99 2.79 14.19 26.74
N GLN A 100 2.12 13.62 25.74
CA GLN A 100 1.55 14.45 24.68
C GLN A 100 0.24 15.11 25.12
N PHE A 101 -0.64 14.37 25.82
CA PHE A 101 -1.99 14.87 26.05
C PHE A 101 -2.38 15.01 27.52
N ASN A 102 -1.63 14.48 28.47
CA ASN A 102 -2.08 14.42 29.87
C ASN A 102 -1.29 15.30 30.81
N TYR A 103 0.03 15.14 30.89
CA TYR A 103 0.84 15.78 31.92
C TYR A 103 2.24 16.02 31.38
N LYS A 104 2.73 17.26 31.51
CA LYS A 104 4.07 17.61 31.07
C LYS A 104 4.67 18.60 32.07
N GLN A 105 5.89 18.32 32.51
CA GLN A 105 6.59 19.21 33.42
C GLN A 105 7.47 20.18 32.65
N SER A 106 7.83 21.27 33.31
CA SER A 106 8.72 22.26 32.74
C SER A 106 10.09 21.64 32.43
N PHE A 107 10.66 22.04 31.30
CA PHE A 107 11.99 21.55 30.95
C PHE A 107 13.11 22.46 31.47
N SER A 108 12.79 23.62 32.02
CA SER A 108 13.81 24.60 32.41
C SER A 108 14.10 24.62 33.90
N ASN A 109 13.31 23.94 34.72
CA ASN A 109 13.50 23.87 36.15
C ASN A 109 13.92 22.45 36.57
N PRO A 110 14.60 22.30 37.69
CA PRO A 110 14.80 20.97 38.25
C PRO A 110 13.46 20.31 38.52
N THR A 111 13.33 19.06 38.09
CA THR A 111 12.09 18.31 38.24
C THR A 111 12.40 16.88 38.68
N CYS A 112 11.40 16.26 39.32
CA CYS A 112 11.44 14.84 39.62
C CYS A 112 10.08 14.23 39.33
N LEU A 113 10.10 12.93 39.08
CA LEU A 113 8.90 12.14 38.85
C LEU A 113 9.04 10.91 39.73
N ILE A 114 8.03 10.64 40.54
CA ILE A 114 8.10 9.55 41.53
C ILE A 114 6.87 8.69 41.35
N LEU A 115 7.07 7.38 41.23
CA LEU A 115 5.99 6.41 41.22
C LEU A 115 6.02 5.62 42.52
N ALA A 116 4.90 5.60 43.24
CA ALA A 116 4.84 4.97 44.54
C ALA A 116 3.53 4.23 44.69
N THR A 117 3.51 3.29 45.63
CA THR A 117 2.33 2.49 45.98
C THR A 117 1.85 2.87 47.37
N VAL A 118 0.53 2.93 47.54
CA VAL A 118 -0.08 3.23 48.83
C VAL A 118 0.00 1.98 49.72
N PRO A 119 0.74 2.00 50.82
CA PRO A 119 0.77 0.81 51.69
C PRO A 119 -0.54 0.60 52.43
N HIS A 120 -0.74 -0.64 52.85
CA HIS A 120 -1.99 -1.02 53.52
C HIS A 120 -2.24 -0.23 54.81
N ASN A 121 -1.20 0.23 55.49
CA ASN A 121 -1.48 0.95 56.72
C ASN A 121 -1.76 2.44 56.49
N LEU A 122 -1.76 2.90 55.23
CA LEU A 122 -2.17 4.26 54.89
C LEU A 122 -3.61 4.17 54.37
N THR A 123 -4.55 4.18 55.31
CA THR A 123 -5.91 3.78 55.01
C THR A 123 -6.79 4.89 54.47
N THR A 124 -6.33 6.14 54.50
CA THR A 124 -7.23 7.24 54.20
C THR A 124 -7.14 7.69 52.74
N ILE A 125 -6.22 7.15 51.97
CA ILE A 125 -6.19 7.33 50.53
C ILE A 125 -7.06 6.24 49.92
N THR A 126 -8.10 6.63 49.20
CA THR A 126 -9.08 5.69 48.67
C THR A 126 -8.89 5.49 47.17
N LYS A 127 -9.35 4.33 46.69
CA LYS A 127 -9.06 3.93 45.31
C LYS A 127 -10.17 4.40 44.36
N PRO A 128 -9.79 4.84 43.17
CA PRO A 128 -10.78 5.02 42.09
C PRO A 128 -11.15 3.66 41.50
N LEU A 129 -12.15 3.67 40.62
CA LEU A 129 -12.64 2.41 40.06
C LEU A 129 -11.62 1.76 39.13
N LYS A 130 -10.75 2.56 38.52
CA LYS A 130 -9.80 2.14 37.50
C LYS A 130 -8.83 3.30 37.29
N TYR A 131 -7.77 3.05 36.52
CA TYR A 131 -6.93 4.13 36.02
C TYR A 131 -7.43 4.58 34.64
N SER A 132 -7.42 5.90 34.42
CA SER A 132 -7.84 6.46 33.13
C SER A 132 -6.78 7.43 32.63
N TYR A 133 -6.67 7.55 31.30
CA TYR A 133 -5.85 8.62 30.74
C TYR A 133 -6.39 8.99 29.36
N ILE A 134 -5.98 10.16 28.88
CA ILE A 134 -6.44 10.65 27.57
C ILE A 134 -5.52 10.11 26.50
N ASN A 135 -6.10 9.45 25.51
CA ASN A 135 -5.33 8.80 24.46
C ASN A 135 -5.20 9.67 23.21
N LYS A 136 -6.12 10.60 22.99
CA LYS A 136 -6.12 11.52 21.87
C LYS A 136 -6.93 12.75 22.27
N CYS A 137 -6.47 13.93 21.86
CA CYS A 137 -7.23 15.16 22.08
C CYS A 137 -6.94 16.07 20.88
N SER A 138 -7.98 16.36 20.09
CA SER A 138 -7.82 17.14 18.87
C SER A 138 -8.93 18.17 18.75
N ARG A 139 -8.60 19.30 18.14
CA ARG A 139 -9.61 20.20 17.61
C ARG A 139 -9.86 19.84 16.16
N PHE A 140 -11.11 20.00 15.71
CA PHE A 140 -11.46 19.90 14.30
C PHE A 140 -12.04 21.25 13.91
N LEU A 141 -11.30 21.99 13.09
CA LEU A 141 -11.61 23.39 12.83
C LEU A 141 -12.89 23.53 12.00
N SER A 142 -13.43 24.74 12.00
CA SER A 142 -14.71 24.95 11.33
C SER A 142 -14.59 24.96 9.81
N ASP A 143 -13.38 24.78 9.25
CA ASP A 143 -13.27 24.50 7.82
C ASP A 143 -13.66 23.07 7.48
N ASP A 144 -13.96 22.25 8.49
CA ASP A 144 -14.37 20.85 8.29
C ASP A 144 -13.28 20.02 7.64
N ARG A 145 -12.01 20.41 7.79
CA ARG A 145 -10.91 19.69 7.16
C ARG A 145 -9.70 19.55 8.09
N THR A 146 -9.39 20.58 8.86
CA THR A 146 -8.13 20.61 9.59
C THR A 146 -8.31 20.02 10.98
N GLU A 147 -7.62 18.92 11.24
CA GLU A 147 -7.51 18.35 12.57
C GLU A 147 -6.23 18.84 13.22
N VAL A 148 -6.32 19.29 14.47
CA VAL A 148 -5.18 19.85 15.20
C VAL A 148 -5.01 19.13 16.54
N PRO A 149 -4.01 18.26 16.67
CA PRO A 149 -3.74 17.62 17.97
C PRO A 149 -3.43 18.67 19.04
N GLN A 150 -4.02 18.48 20.23
CA GLN A 150 -3.92 19.47 21.30
C GLN A 150 -2.87 18.98 22.30
N LEU A 151 -1.61 19.32 22.03
CA LEU A 151 -0.51 18.88 22.88
C LEU A 151 -0.51 19.69 24.17
N VAL A 152 -0.42 19.00 25.31
CA VAL A 152 -0.50 19.68 26.58
C VAL A 152 0.79 20.46 26.80
N ASN A 153 0.66 21.65 27.39
CA ASN A 153 1.81 22.46 27.76
C ASN A 153 2.22 22.16 29.20
N ALA A 154 3.44 22.55 29.53
CA ALA A 154 3.90 22.42 30.91
C ALA A 154 3.00 23.23 31.83
N ASN A 155 2.69 22.66 32.99
CA ASN A 155 1.93 23.38 34.03
C ASN A 155 0.53 23.72 33.56
N GLN A 156 -0.05 22.92 32.67
CA GLN A 156 -1.38 23.19 32.14
C GLN A 156 -2.16 21.89 32.04
N TYR A 157 -3.48 22.02 32.02
CA TYR A 157 -4.35 20.89 31.75
C TYR A 157 -4.60 20.78 30.25
N SER A 158 -4.91 19.56 29.82
CA SER A 158 -5.37 19.36 28.46
C SER A 158 -6.65 20.17 28.24
N PRO A 159 -6.82 20.78 27.06
CA PRO A 159 -8.12 21.40 26.75
C PRO A 159 -9.28 20.42 26.83
N CYS A 160 -9.02 19.12 26.74
CA CYS A 160 -10.07 18.12 26.74
C CYS A 160 -10.55 17.72 28.13
N VAL A 161 -10.01 18.31 29.21
CA VAL A 161 -10.54 17.97 30.53
C VAL A 161 -11.98 18.43 30.70
N SER A 162 -12.45 19.35 29.85
CA SER A 162 -13.83 19.79 29.90
C SER A 162 -14.81 18.78 29.30
N ILE A 163 -14.33 17.78 28.56
CA ILE A 163 -15.20 16.79 27.96
C ILE A 163 -14.90 15.36 28.40
N VAL A 164 -13.74 15.09 28.97
CA VAL A 164 -13.40 13.76 29.47
C VAL A 164 -13.79 13.70 30.93
N PRO A 165 -14.62 12.75 31.35
CA PRO A 165 -15.00 12.68 32.76
C PRO A 165 -13.82 12.28 33.65
N SER A 166 -14.00 12.52 34.95
CA SER A 166 -12.92 12.26 35.91
C SER A 166 -12.50 10.80 35.94
N THR A 167 -13.40 9.88 35.55
CA THR A 167 -13.07 8.48 35.31
C THR A 167 -13.67 8.07 33.97
N VAL A 168 -12.86 7.53 33.07
CA VAL A 168 -13.34 7.11 31.77
C VAL A 168 -14.23 5.87 31.91
N TRP A 169 -15.40 5.90 31.28
CA TRP A 169 -16.38 4.82 31.43
C TRP A 169 -15.86 3.51 30.86
N GLU A 170 -15.25 3.55 29.68
CA GLU A 170 -14.80 2.32 29.03
C GLU A 170 -13.61 2.63 28.14
N ASP A 171 -12.67 1.69 28.09
CA ASP A 171 -11.52 1.84 27.20
C ASP A 171 -11.99 2.11 25.79
N GLY A 172 -11.47 3.18 25.18
CA GLY A 172 -11.81 3.53 23.81
C GLY A 172 -12.91 4.56 23.66
N ASP A 173 -13.57 4.96 24.75
CA ASP A 173 -14.62 5.99 24.68
C ASP A 173 -14.20 7.18 23.82
N TYR A 174 -15.17 7.71 23.08
CA TYR A 174 -14.98 8.83 22.17
C TYR A 174 -15.83 9.97 22.71
N TYR A 175 -15.19 11.06 23.15
CA TYR A 175 -15.88 12.23 23.65
C TYR A 175 -15.78 13.36 22.63
N ARG A 176 -16.83 14.18 22.53
CA ARG A 176 -16.86 15.21 21.51
C ARG A 176 -17.75 16.35 21.97
N LYS A 177 -17.43 17.56 21.51
CA LYS A 177 -18.25 18.74 21.79
C LYS A 177 -18.13 19.72 20.64
N GLN A 178 -19.25 20.25 20.18
CA GLN A 178 -19.26 21.33 19.21
C GLN A 178 -18.98 22.64 19.94
N LEU A 179 -17.98 23.38 19.48
CA LEU A 179 -17.60 24.61 20.15
C LEU A 179 -18.41 25.79 19.61
N SER A 180 -18.50 26.83 20.43
CA SER A 180 -19.19 28.05 20.05
C SER A 180 -18.31 28.91 19.16
N PRO A 181 -18.89 29.93 18.50
CA PRO A 181 -18.04 30.92 17.81
C PRO A 181 -17.00 31.57 18.71
N LEU A 182 -17.40 31.98 19.93
CA LEU A 182 -16.45 32.58 20.86
C LEU A 182 -15.31 31.63 21.19
N GLU A 183 -15.60 30.33 21.27
CA GLU A 183 -14.57 29.32 21.52
C GLU A 183 -13.78 28.94 20.28
N GLY A 184 -14.07 29.53 19.12
CA GLY A 184 -13.31 29.29 17.91
C GLY A 184 -14.00 28.42 16.88
N GLY A 185 -15.20 27.90 17.16
CA GLY A 185 -15.91 27.08 16.20
C GLY A 185 -15.32 25.69 16.07
N GLY A 186 -15.93 24.91 15.19
CA GLY A 186 -15.47 23.55 15.02
C GLY A 186 -15.78 22.68 16.23
N TRP A 187 -14.98 21.62 16.37
CA TRP A 187 -15.23 20.59 17.36
C TRP A 187 -13.98 20.34 18.19
N LEU A 188 -14.21 19.86 19.41
CA LEU A 188 -13.17 19.31 20.27
C LEU A 188 -13.48 17.83 20.46
N VAL A 189 -12.49 16.96 20.21
CA VAL A 189 -12.70 15.53 20.37
C VAL A 189 -11.57 14.94 21.20
N ALA A 190 -11.91 13.88 21.95
CA ALA A 190 -10.93 13.17 22.75
C ALA A 190 -11.28 11.69 22.80
N SER A 191 -10.27 10.89 23.04
CA SER A 191 -10.41 9.45 23.20
C SER A 191 -9.80 9.05 24.54
N GLY A 192 -10.50 8.22 25.29
CA GLY A 192 -10.07 7.82 26.62
C GLY A 192 -9.62 6.37 26.66
N SER A 193 -8.67 6.08 27.53
CA SER A 193 -8.17 4.72 27.75
C SER A 193 -8.26 4.39 29.23
N THR A 194 -8.31 3.10 29.55
CA THR A 194 -8.38 2.65 30.94
C THR A 194 -7.41 1.52 31.19
N VAL A 195 -6.98 1.42 32.44
CA VAL A 195 -6.13 0.33 32.93
C VAL A 195 -6.78 -0.19 34.22
N ALA A 196 -6.87 -1.51 34.35
CA ALA A 196 -7.54 -2.11 35.51
C ALA A 196 -6.90 -1.67 36.81
N MET A 197 -7.73 -1.47 37.82
CA MET A 197 -7.22 -1.11 39.15
C MET A 197 -6.40 -2.26 39.73
N THR A 198 -5.32 -1.90 40.41
CA THR A 198 -4.45 -2.85 41.08
C THR A 198 -4.92 -3.06 42.51
N GLU A 199 -4.36 -4.09 43.17
CA GLU A 199 -4.81 -4.43 44.52
C GLU A 199 -4.49 -3.30 45.50
N GLN A 200 -3.31 -2.70 45.39
CA GLN A 200 -3.00 -1.46 46.08
C GLN A 200 -2.91 -0.34 45.07
N LEU A 201 -3.48 0.82 45.43
CA LEU A 201 -3.43 1.98 44.55
C LEU A 201 -1.99 2.37 44.26
N GLN A 202 -1.70 2.67 43.00
CA GLN A 202 -0.40 3.17 42.56
C GLN A 202 -0.56 4.62 42.13
N MET A 203 0.45 5.43 42.42
CA MET A 203 0.35 6.88 42.31
C MET A 203 1.59 7.45 41.65
N GLY A 204 1.41 8.61 41.03
CA GLY A 204 2.52 9.39 40.50
C GLY A 204 2.62 10.72 41.21
N PHE A 205 3.86 11.19 41.37
CA PHE A 205 4.14 12.49 41.98
C PHE A 205 5.04 13.25 41.02
N GLY A 206 4.62 14.46 40.65
CA GLY A 206 5.47 15.30 39.84
C GLY A 206 5.94 16.50 40.64
N ILE A 207 7.26 16.70 40.74
CA ILE A 207 7.84 17.75 41.58
C ILE A 207 8.65 18.69 40.70
N THR A 208 8.42 20.00 40.88
CA THR A 208 9.19 21.05 40.24
C THR A 208 9.57 22.08 41.28
N VAL A 209 10.85 22.46 41.32
CA VAL A 209 11.34 23.47 42.25
C VAL A 209 11.81 24.69 41.47
N GLN A 210 11.57 25.85 42.04
CA GLN A 210 12.03 27.13 41.49
C GLN A 210 13.08 27.67 42.44
N TYR A 211 14.33 27.68 42.00
CA TYR A 211 15.43 28.20 42.81
C TYR A 211 15.62 29.68 42.56
N GLY A 212 15.91 30.42 43.63
CA GLY A 212 16.16 31.84 43.55
C GLY A 212 17.64 32.19 43.63
N GLY B 14 37.38 0.81 58.94
CA GLY B 14 37.09 0.17 57.68
C GLY B 14 37.91 0.74 56.52
N VAL B 15 37.50 0.43 55.30
CA VAL B 15 38.16 0.90 54.09
C VAL B 15 37.11 1.51 53.17
N GLU B 16 37.39 2.71 52.67
CA GLU B 16 36.52 3.33 51.67
C GLU B 16 36.77 2.70 50.31
N CYS B 17 35.70 2.38 49.60
CA CYS B 17 35.85 1.87 48.24
C CYS B 17 36.51 2.94 47.38
N ASP B 18 37.43 2.51 46.52
CA ASP B 18 38.26 3.41 45.75
C ASP B 18 37.75 3.49 44.31
N PHE B 19 37.39 4.71 43.89
CA PHE B 19 36.87 4.97 42.56
C PHE B 19 37.94 5.47 41.59
N SER B 20 39.22 5.29 41.94
CA SER B 20 40.29 5.84 41.12
C SER B 20 40.35 5.28 39.70
N PRO B 21 40.08 3.99 39.43
CA PRO B 21 40.05 3.54 38.02
C PRO B 21 39.16 4.36 37.13
N LEU B 22 38.10 4.96 37.68
CA LEU B 22 37.17 5.75 36.90
C LEU B 22 37.70 7.16 36.61
N LEU B 23 38.56 7.70 37.47
CA LEU B 23 38.93 9.11 37.37
C LEU B 23 40.10 9.37 36.43
N SER B 24 40.72 8.34 35.86
CA SER B 24 41.85 8.50 34.97
C SER B 24 41.64 7.65 33.73
N GLY B 25 41.86 8.24 32.55
CA GLY B 25 41.75 7.52 31.29
C GLY B 25 40.48 7.91 30.53
N THR B 26 40.33 7.29 29.36
CA THR B 26 39.17 7.53 28.51
C THR B 26 38.11 6.48 28.81
N PRO B 27 36.90 6.87 29.22
CA PRO B 27 35.86 5.87 29.47
C PRO B 27 35.40 5.24 28.16
N PRO B 28 35.11 3.94 28.17
CA PRO B 28 34.71 3.26 26.94
C PRO B 28 33.35 3.72 26.45
N GLN B 29 33.03 3.29 25.24
CA GLN B 29 31.68 3.48 24.73
C GLN B 29 30.72 2.51 25.42
N VAL B 30 29.43 2.81 25.30
CA VAL B 30 28.39 2.15 26.10
C VAL B 30 28.42 0.63 25.89
N TYR B 31 28.65 0.18 24.66
CA TYR B 31 28.66 -1.26 24.41
C TYR B 31 29.90 -1.95 24.95
N ASN B 32 30.92 -1.20 25.35
CA ASN B 32 32.08 -1.75 26.05
C ASN B 32 32.12 -1.27 27.50
N PHE B 33 30.95 -1.14 28.13
CA PHE B 33 30.88 -0.53 29.46
C PHE B 33 31.89 -1.17 30.41
N LYS B 34 32.61 -0.33 31.14
CA LYS B 34 33.57 -0.81 32.13
C LYS B 34 32.85 -1.08 33.44
N ARG B 35 33.06 -2.28 34.00
CA ARG B 35 32.36 -2.71 35.20
C ARG B 35 33.31 -2.76 36.38
N LEU B 36 32.95 -2.05 37.46
CA LEU B 36 33.65 -2.11 38.73
C LEU B 36 32.73 -2.76 39.76
N VAL B 37 33.28 -3.68 40.55
CA VAL B 37 32.52 -4.41 41.57
C VAL B 37 33.15 -4.13 42.92
N PHE B 38 32.32 -3.68 43.87
CA PHE B 38 32.78 -3.34 45.22
C PHE B 38 32.12 -4.25 46.24
N THR B 39 32.94 -4.85 47.10
CA THR B 39 32.47 -5.65 48.22
C THR B 39 33.33 -5.33 49.44
N ASN B 40 32.71 -5.39 50.62
CA ASN B 40 33.43 -5.29 51.89
C ASN B 40 34.19 -3.98 52.01
N CYS B 41 33.57 -2.88 51.60
CA CYS B 41 34.16 -1.56 51.76
C CYS B 41 33.04 -0.53 51.86
N ASN B 42 33.35 0.57 52.55
CA ASN B 42 32.41 1.67 52.66
C ASN B 42 32.45 2.51 51.41
N TYR B 43 31.27 2.89 50.93
CA TYR B 43 31.19 3.77 49.78
C TYR B 43 30.05 4.74 50.02
N ASN B 44 30.02 5.77 49.18
CA ASN B 44 29.04 6.84 49.31
C ASN B 44 28.87 7.40 47.91
N LEU B 45 27.71 7.13 47.30
CA LEU B 45 27.52 7.49 45.90
C LEU B 45 27.55 9.00 45.71
N THR B 46 26.90 9.75 46.60
CA THR B 46 26.89 11.20 46.46
C THR B 46 28.30 11.78 46.50
N LYS B 47 29.22 11.13 47.23
CA LYS B 47 30.60 11.62 47.24
C LYS B 47 31.27 11.43 45.89
N LEU B 48 31.01 10.30 45.23
CA LEU B 48 31.52 10.12 43.87
C LEU B 48 30.94 11.17 42.94
N LEU B 49 29.62 11.37 42.98
CA LEU B 49 28.95 12.32 42.12
C LEU B 49 29.31 13.77 42.43
N SER B 50 29.84 14.06 43.61
CA SER B 50 30.26 15.43 43.90
C SER B 50 31.38 15.87 42.97
N LEU B 51 32.09 14.93 42.35
CA LEU B 51 33.16 15.23 41.40
C LEU B 51 32.64 15.57 40.01
N PHE B 52 31.37 15.30 39.72
CA PHE B 52 30.79 15.50 38.40
C PHE B 52 29.68 16.54 38.47
N SER B 53 29.21 16.95 37.30
CA SER B 53 28.02 17.80 37.19
C SER B 53 26.87 16.88 36.76
N VAL B 54 26.05 16.46 37.73
CA VAL B 54 25.00 15.49 37.45
C VAL B 54 23.85 16.17 36.72
N ASN B 55 23.42 15.56 35.62
CA ASN B 55 22.33 16.10 34.82
C ASN B 55 21.01 15.36 35.04
N ASP B 56 21.03 14.04 35.12
CA ASP B 56 19.81 13.26 35.26
C ASP B 56 20.11 12.00 36.06
N PHE B 57 19.11 11.50 36.77
CA PHE B 57 19.27 10.16 37.30
C PHE B 57 17.91 9.52 37.46
N THR B 58 17.86 8.22 37.29
CA THR B 58 16.63 7.47 37.43
C THR B 58 16.91 6.15 38.11
N CYS B 59 16.10 5.81 39.10
CA CYS B 59 16.30 4.63 39.92
C CYS B 59 15.02 3.82 39.96
N SER B 60 15.19 2.50 39.96
CA SER B 60 14.08 1.57 40.09
C SER B 60 14.23 0.73 41.35
N TYR B 72 24.31 -4.42 52.69
CA TYR B 72 24.49 -4.77 51.27
C TYR B 72 25.63 -5.76 51.09
N SER B 73 25.57 -6.57 50.03
CA SER B 73 26.59 -7.57 49.77
C SER B 73 27.54 -7.21 48.63
N SER B 74 27.06 -6.48 47.62
CA SER B 74 27.94 -6.04 46.55
C SER B 74 27.31 -4.85 45.83
N LEU B 75 28.17 -3.98 45.32
CA LEU B 75 27.73 -2.87 44.47
C LEU B 75 28.44 -2.96 43.14
N ILE B 76 27.67 -2.92 42.05
CA ILE B 76 28.20 -2.98 40.69
C ILE B 76 28.07 -1.59 40.09
N LEU B 77 29.18 -1.08 39.57
CA LEU B 77 29.24 0.24 38.93
C LEU B 77 29.73 0.05 37.50
N ASP B 78 28.86 0.36 36.53
CA ASP B 78 29.22 0.41 35.12
C ASP B 78 29.33 1.86 34.68
N TYR B 79 30.36 2.18 33.88
CA TYR B 79 30.50 3.56 33.42
C TYR B 79 30.99 3.56 31.99
N PHE B 80 30.65 4.63 31.28
CA PHE B 80 30.91 4.73 29.85
C PHE B 80 30.67 6.17 29.40
N SER B 81 31.31 6.52 28.28
CA SER B 81 30.94 7.76 27.59
C SER B 81 29.53 7.65 27.03
N TYR B 82 28.75 8.71 27.19
CA TYR B 82 27.38 8.68 26.70
C TYR B 82 26.86 10.10 26.51
N PRO B 83 26.33 10.45 25.33
CA PRO B 83 25.86 11.81 25.12
C PRO B 83 24.52 12.08 25.81
N LEU B 84 24.44 13.23 26.46
CA LEU B 84 23.23 13.64 27.15
C LEU B 84 22.03 13.77 26.20
N SER B 85 22.27 14.05 24.92
CA SER B 85 21.19 14.17 23.95
C SER B 85 20.46 12.86 23.71
N MET B 86 21.05 11.72 24.09
CA MET B 86 20.41 10.42 23.98
C MET B 86 19.87 9.93 25.32
N LYS B 87 19.50 10.84 26.22
CA LYS B 87 18.99 10.41 27.51
C LYS B 87 17.73 9.57 27.36
N SER B 88 16.91 9.86 26.34
CA SER B 88 15.68 9.11 26.12
C SER B 88 15.95 7.62 25.94
N ASP B 89 17.08 7.26 25.34
CA ASP B 89 17.39 5.87 25.04
C ASP B 89 17.99 5.13 26.23
N LEU B 90 18.38 5.84 27.28
CA LEU B 90 19.01 5.25 28.45
C LEU B 90 18.20 5.67 29.67
N SER B 91 16.95 5.24 29.71
CA SER B 91 16.06 5.63 30.81
C SER B 91 14.99 4.57 31.04
N VAL B 92 13.82 5.00 31.50
CA VAL B 92 12.78 4.07 31.90
C VAL B 92 12.30 3.25 30.70
N SER B 93 12.21 3.86 29.53
CA SER B 93 11.83 3.13 28.33
C SER B 93 12.92 2.13 27.94
N SER B 94 12.50 1.07 27.25
CA SER B 94 13.41 -0.01 26.89
C SER B 94 13.26 -0.40 25.43
N ALA B 95 12.89 0.55 24.57
CA ALA B 95 12.60 0.26 23.18
C ALA B 95 13.77 0.52 22.23
N GLY B 96 14.67 1.44 22.58
CA GLY B 96 15.66 1.90 21.66
C GLY B 96 16.85 0.95 21.54
N PRO B 97 17.78 1.29 20.64
CA PRO B 97 18.93 0.41 20.41
C PRO B 97 19.88 0.32 21.60
N ILE B 98 19.90 1.28 22.51
CA ILE B 98 20.82 1.17 23.64
C ILE B 98 20.44 0.00 24.53
N SER B 99 19.18 -0.05 24.96
CA SER B 99 18.76 -1.16 25.81
C SER B 99 18.65 -2.46 25.03
N GLN B 100 18.42 -2.39 23.71
CA GLN B 100 18.27 -3.62 22.95
C GLN B 100 19.60 -4.24 22.58
N PHE B 101 20.60 -3.44 22.23
CA PHE B 101 21.85 -3.98 21.71
C PHE B 101 23.10 -3.62 22.50
N ASN B 102 23.04 -2.66 23.44
CA ASN B 102 24.26 -2.13 24.04
C ASN B 102 24.39 -2.41 25.53
N TYR B 103 23.42 -2.00 26.35
CA TYR B 103 23.54 -2.05 27.79
C TYR B 103 22.16 -2.29 28.37
N LYS B 104 22.04 -3.31 29.23
CA LYS B 104 20.75 -3.59 29.88
C LYS B 104 21.01 -3.98 31.33
N GLN B 105 20.31 -3.34 32.24
CA GLN B 105 20.47 -3.64 33.65
C GLN B 105 19.50 -4.73 34.11
N SER B 106 19.87 -5.37 35.20
CA SER B 106 19.00 -6.35 35.82
C SER B 106 17.64 -5.73 36.16
N PHE B 107 16.58 -6.52 35.99
CA PHE B 107 15.25 -6.10 36.39
C PHE B 107 14.88 -6.57 37.79
N SER B 108 15.64 -7.50 38.36
CA SER B 108 15.31 -8.10 39.65
C SER B 108 16.16 -7.55 40.78
N ASN B 109 16.71 -6.35 40.64
CA ASN B 109 17.53 -5.74 41.67
C ASN B 109 17.34 -4.25 41.63
N PRO B 110 17.49 -3.55 42.76
CA PRO B 110 17.47 -2.09 42.72
C PRO B 110 18.61 -1.59 41.83
N THR B 111 18.28 -0.65 40.95
CA THR B 111 19.22 -0.12 39.98
C THR B 111 19.07 1.39 39.90
N CYS B 112 20.12 2.04 39.41
CA CYS B 112 20.07 3.46 39.09
C CYS B 112 20.84 3.71 37.80
N LEU B 113 20.43 4.75 37.08
CA LEU B 113 21.09 5.21 35.88
C LEU B 113 21.36 6.69 36.05
N ILE B 114 22.62 7.10 35.92
CA ILE B 114 23.03 8.47 36.17
C ILE B 114 23.71 9.02 34.92
N LEU B 115 23.31 10.21 34.50
CA LEU B 115 23.95 10.93 33.41
C LEU B 115 24.64 12.16 34.00
N ALA B 116 25.94 12.32 33.71
CA ALA B 116 26.71 13.41 34.28
C ALA B 116 27.73 13.93 33.27
N THR B 117 28.21 15.13 33.54
CA THR B 117 29.18 15.83 32.70
C THR B 117 30.48 15.99 33.47
N VAL B 118 31.60 15.75 32.79
CA VAL B 118 32.92 15.89 33.40
C VAL B 118 33.24 17.38 33.51
N PRO B 119 33.46 17.90 34.72
CA PRO B 119 33.80 19.32 34.86
C PRO B 119 35.19 19.61 34.33
N HIS B 120 35.40 20.88 33.97
CA HIS B 120 36.70 21.31 33.46
C HIS B 120 37.82 21.09 34.47
N ASN B 121 37.54 21.19 35.76
CA ASN B 121 38.62 21.00 36.73
C ASN B 121 38.91 19.53 37.00
N LEU B 122 38.16 18.60 36.42
CA LEU B 122 38.44 17.16 36.51
C LEU B 122 39.23 16.78 35.25
N THR B 123 40.55 16.96 35.32
CA THR B 123 41.38 16.97 34.11
C THR B 123 41.86 15.59 33.69
N THR B 124 41.74 14.57 34.53
CA THR B 124 42.39 13.29 34.26
C THR B 124 41.51 12.31 33.49
N ILE B 125 40.22 12.60 33.34
CA ILE B 125 39.35 11.85 32.45
C ILE B 125 39.47 12.45 31.06
N THR B 126 39.88 11.62 30.09
CA THR B 126 40.16 12.07 28.73
C THR B 126 39.04 11.65 27.78
N LYS B 127 38.92 12.40 26.69
CA LYS B 127 37.77 12.27 25.80
C LYS B 127 38.06 11.33 24.63
N PRO B 128 37.12 10.49 24.24
CA PRO B 128 37.24 9.80 22.95
C PRO B 128 36.98 10.79 21.81
N LEU B 129 37.20 10.31 20.58
CA LEU B 129 37.05 11.17 19.41
C LEU B 129 35.59 11.51 19.14
N LYS B 130 34.67 10.63 19.54
CA LYS B 130 33.24 10.81 19.32
C LYS B 130 32.53 9.82 20.23
N TYR B 131 31.20 9.88 20.24
CA TYR B 131 30.40 8.84 20.89
C TYR B 131 29.96 7.82 19.85
N SER B 132 29.93 6.55 20.23
CA SER B 132 29.51 5.46 19.34
C SER B 132 28.57 4.53 20.09
N TYR B 133 27.66 3.89 19.36
CA TYR B 133 26.81 2.84 19.92
C TYR B 133 26.38 1.91 18.79
N ILE B 134 25.93 0.72 19.18
CA ILE B 134 25.49 -0.28 18.23
C ILE B 134 24.01 -0.04 17.91
N ASN B 135 23.68 0.08 16.62
CA ASN B 135 22.31 0.32 16.22
C ASN B 135 21.59 -0.93 15.71
N LYS B 136 22.34 -1.99 15.40
CA LYS B 136 21.76 -3.28 15.06
C LYS B 136 22.83 -4.35 15.25
N CYS B 137 22.41 -5.53 15.68
CA CYS B 137 23.29 -6.68 15.84
C CYS B 137 22.45 -7.92 15.56
N SER B 138 22.72 -8.61 14.46
CA SER B 138 21.91 -9.76 14.06
C SER B 138 22.80 -10.95 13.71
N ARG B 139 22.29 -12.14 14.00
CA ARG B 139 22.79 -13.35 13.38
C ARG B 139 21.93 -13.65 12.17
N PHE B 140 22.56 -14.13 11.09
CA PHE B 140 21.87 -14.63 9.92
C PHE B 140 22.29 -16.09 9.80
N LEU B 141 21.33 -17.00 10.01
CA LEU B 141 21.64 -18.41 10.20
C LEU B 141 21.98 -19.10 8.89
N SER B 142 22.54 -20.29 9.00
CA SER B 142 23.04 -20.94 7.79
C SER B 142 21.92 -21.51 6.91
N ASP B 143 20.65 -21.30 7.24
CA ASP B 143 19.59 -21.57 6.27
C ASP B 143 19.45 -20.44 5.26
N ASP B 144 20.26 -19.38 5.39
CA ASP B 144 20.20 -18.20 4.53
C ASP B 144 18.83 -17.54 4.51
N ARG B 145 18.04 -17.71 5.58
CA ARG B 145 16.69 -17.15 5.68
C ARG B 145 16.43 -16.44 7.00
N THR B 146 16.86 -17.02 8.12
CA THR B 146 16.43 -16.59 9.43
C THR B 146 17.38 -15.53 9.98
N GLU B 147 16.87 -14.33 10.22
CA GLU B 147 17.62 -13.27 10.89
C GLU B 147 17.21 -13.24 12.36
N VAL B 148 18.20 -13.20 13.24
CA VAL B 148 17.99 -13.25 14.69
C VAL B 148 18.63 -12.05 15.36
N PRO B 149 17.86 -11.02 15.72
CA PRO B 149 18.44 -9.88 16.47
C PRO B 149 19.02 -10.36 17.79
N GLN B 150 20.23 -9.89 18.09
CA GLN B 150 20.96 -10.34 19.26
C GLN B 150 20.73 -9.34 20.39
N LEU B 151 19.60 -9.52 21.08
CA LEU B 151 19.24 -8.64 22.18
C LEU B 151 20.17 -8.89 23.35
N VAL B 152 20.79 -7.82 23.86
CA VAL B 152 21.75 -7.98 24.94
C VAL B 152 21.02 -8.36 26.22
N ASN B 153 21.62 -9.27 26.98
CA ASN B 153 21.09 -9.69 28.27
C ASN B 153 21.69 -8.85 29.38
N ALA B 154 21.07 -8.90 30.55
CA ALA B 154 21.60 -8.14 31.69
C ALA B 154 22.99 -8.64 32.03
N ASN B 155 23.84 -7.68 32.46
CA ASN B 155 25.19 -7.99 32.92
C ASN B 155 26.05 -8.67 31.86
N GLN B 156 25.77 -8.43 30.58
CA GLN B 156 26.51 -9.07 29.50
C GLN B 156 26.80 -8.06 28.40
N TYR B 157 27.78 -8.39 27.56
CA TYR B 157 28.13 -7.59 26.39
C TYR B 157 27.42 -8.14 25.16
N SER B 158 27.20 -7.25 24.19
CA SER B 158 26.61 -7.67 22.94
C SER B 158 27.52 -8.67 22.23
N PRO B 159 26.96 -9.68 21.56
CA PRO B 159 27.81 -10.59 20.76
C PRO B 159 28.60 -9.89 19.68
N CYS B 160 28.19 -8.69 19.28
CA CYS B 160 28.84 -7.98 18.20
C CYS B 160 30.05 -7.17 18.63
N VAL B 161 30.37 -7.11 19.92
CA VAL B 161 31.53 -6.31 20.32
C VAL B 161 32.82 -6.86 19.72
N SER B 162 32.84 -8.12 19.30
CA SER B 162 34.03 -8.67 18.65
C SER B 162 34.23 -8.16 17.23
N ILE B 163 33.20 -7.59 16.60
CA ILE B 163 33.31 -7.06 15.24
C ILE B 163 33.07 -5.56 15.15
N VAL B 164 32.68 -4.91 16.22
CA VAL B 164 32.50 -3.46 16.27
C VAL B 164 33.72 -2.86 16.96
N PRO B 165 34.43 -1.90 16.36
CA PRO B 165 35.61 -1.35 17.00
C PRO B 165 35.26 -0.52 18.23
N SER B 166 36.26 -0.30 19.08
CA SER B 166 36.03 0.42 20.34
C SER B 166 35.47 1.81 20.10
N THR B 167 35.71 2.40 18.93
CA THR B 167 35.02 3.60 18.49
C THR B 167 34.70 3.43 17.00
N VAL B 168 33.45 3.69 16.63
CA VAL B 168 33.01 3.52 15.25
C VAL B 168 33.68 4.56 14.35
N TRP B 169 34.19 4.12 13.20
CA TRP B 169 34.82 5.00 12.23
C TRP B 169 33.87 6.09 11.76
N GLU B 170 32.71 5.70 11.23
CA GLU B 170 31.77 6.61 10.59
C GLU B 170 30.35 6.17 10.90
N ASP B 171 29.45 7.14 11.02
CA ASP B 171 28.05 6.84 11.29
C ASP B 171 27.48 5.94 10.19
N GLY B 172 26.86 4.84 10.60
CA GLY B 172 26.25 3.93 9.66
C GLY B 172 27.12 2.78 9.22
N ASP B 173 28.38 2.73 9.65
CA ASP B 173 29.29 1.65 9.27
C ASP B 173 28.64 0.29 9.49
N TYR B 174 28.82 -0.59 8.50
CA TYR B 174 28.23 -1.92 8.48
C TYR B 174 29.36 -2.94 8.65
N TYR B 175 29.24 -3.79 9.67
CA TYR B 175 30.24 -4.80 9.97
C TYR B 175 29.65 -6.19 9.78
N ARG B 176 30.46 -7.12 9.25
CA ARG B 176 29.94 -8.46 8.99
C ARG B 176 31.06 -9.48 9.12
N LYS B 177 30.71 -10.65 9.63
CA LYS B 177 31.69 -11.71 9.83
C LYS B 177 31.01 -13.05 9.55
N GLN B 178 31.69 -13.87 8.77
CA GLN B 178 31.21 -15.23 8.52
C GLN B 178 31.63 -16.10 9.70
N LEU B 179 30.67 -16.76 10.33
CA LEU B 179 30.98 -17.61 11.46
C LEU B 179 31.42 -18.98 10.97
N SER B 180 32.28 -19.63 11.75
CA SER B 180 32.70 -20.98 11.48
C SER B 180 31.58 -21.97 11.85
N PRO B 181 31.67 -23.22 11.39
CA PRO B 181 30.74 -24.24 11.90
C PRO B 181 30.72 -24.34 13.41
N LEU B 182 31.90 -24.27 14.05
CA LEU B 182 31.97 -24.31 15.52
C LEU B 182 31.17 -23.18 16.16
N GLU B 183 31.10 -22.02 15.49
CA GLU B 183 30.32 -20.89 16.01
C GLU B 183 28.85 -20.95 15.62
N GLY B 184 28.42 -22.02 14.94
CA GLY B 184 27.04 -22.14 14.53
C GLY B 184 26.77 -21.82 13.08
N GLY B 185 27.78 -21.40 12.32
CA GLY B 185 27.59 -21.12 10.91
C GLY B 185 26.83 -19.82 10.70
N GLY B 186 26.57 -19.53 9.42
CA GLY B 186 25.92 -18.30 9.06
C GLY B 186 26.81 -17.09 9.30
N TRP B 187 26.17 -15.95 9.54
CA TRP B 187 26.86 -14.66 9.61
C TRP B 187 26.48 -13.93 10.89
N LEU B 188 27.38 -13.07 11.34
CA LEU B 188 27.10 -12.07 12.36
C LEU B 188 27.24 -10.70 11.72
N VAL B 189 26.19 -9.88 11.82
CA VAL B 189 26.22 -8.55 11.23
C VAL B 189 25.89 -7.51 12.30
N ALA B 190 26.49 -6.33 12.15
CA ALA B 190 26.26 -5.22 13.07
C ALA B 190 26.40 -3.92 12.32
N SER B 191 25.77 -2.87 12.87
CA SER B 191 25.93 -1.52 12.33
C SER B 191 26.17 -0.55 13.48
N GLY B 192 27.03 0.43 13.24
CA GLY B 192 27.40 1.42 14.24
C GLY B 192 26.85 2.80 13.92
N SER B 193 26.54 3.55 14.97
CA SER B 193 26.13 4.95 14.88
C SER B 193 27.08 5.80 15.71
N THR B 194 27.20 7.08 15.35
CA THR B 194 28.08 8.00 16.03
C THR B 194 27.34 9.28 16.38
N VAL B 195 27.82 9.95 17.43
CA VAL B 195 27.35 11.26 17.85
C VAL B 195 28.57 12.13 18.08
N ALA B 196 28.56 13.35 17.55
CA ALA B 196 29.72 14.23 17.67
C ALA B 196 30.05 14.48 19.13
N MET B 197 31.34 14.50 19.44
CA MET B 197 31.80 14.80 20.78
C MET B 197 31.39 16.20 21.21
N THR B 198 31.04 16.33 22.48
CA THR B 198 30.69 17.59 23.11
C THR B 198 31.94 18.27 23.69
N GLU B 199 31.82 19.56 23.99
CA GLU B 199 32.97 20.29 24.51
C GLU B 199 33.43 19.72 25.84
N GLN B 200 32.50 19.32 26.71
CA GLN B 200 32.81 18.55 27.90
C GLN B 200 32.32 17.12 27.72
N LEU B 201 33.14 16.15 28.11
CA LEU B 201 32.70 14.76 28.01
C LEU B 201 31.47 14.53 28.87
N GLN B 202 30.52 13.77 28.33
CA GLN B 202 29.34 13.36 29.06
C GLN B 202 29.41 11.85 29.27
N MET B 203 28.92 11.40 30.42
CA MET B 203 29.11 10.01 30.83
C MET B 203 27.80 9.43 31.36
N GLY B 204 27.70 8.11 31.25
CA GLY B 204 26.62 7.36 31.86
C GLY B 204 27.17 6.45 32.94
N PHE B 205 26.41 6.29 34.01
CA PHE B 205 26.77 5.42 35.12
C PHE B 205 25.61 4.48 35.38
N GLY B 206 25.89 3.18 35.44
CA GLY B 206 24.88 2.22 35.79
C GLY B 206 25.21 1.55 37.11
N ILE B 207 24.28 1.57 38.05
CA ILE B 207 24.49 1.05 39.39
C ILE B 207 23.48 -0.05 39.66
N THR B 208 23.96 -1.19 40.14
CA THR B 208 23.12 -2.30 40.56
C THR B 208 23.59 -2.75 41.93
N VAL B 209 22.68 -2.74 42.90
CA VAL B 209 22.99 -3.16 44.25
C VAL B 209 22.30 -4.49 44.51
N GLN B 210 23.02 -5.40 45.16
CA GLN B 210 22.48 -6.68 45.58
C GLN B 210 22.42 -6.67 47.10
N TYR B 211 21.21 -6.59 47.65
CA TYR B 211 20.98 -6.62 49.08
C TYR B 211 20.88 -8.07 49.59
N GLY B 212 21.02 -8.22 50.89
CA GLY B 212 20.90 -9.52 51.54
C GLY B 212 21.29 -9.51 53.00
N GLN C 1 -31.97 17.00 7.14
CA GLN C 1 -30.91 16.50 8.01
C GLN C 1 -29.79 15.87 7.19
N VAL C 2 -29.47 14.63 7.53
CA VAL C 2 -28.39 13.88 6.89
C VAL C 2 -28.96 13.08 5.71
N GLN C 3 -28.20 13.02 4.62
CA GLN C 3 -28.53 12.18 3.48
C GLN C 3 -27.34 11.30 3.14
N LEU C 4 -27.61 10.03 2.86
CA LEU C 4 -26.59 9.05 2.49
C LEU C 4 -26.92 8.49 1.12
N VAL C 5 -26.09 8.78 0.13
CA VAL C 5 -26.30 8.34 -1.25
C VAL C 5 -25.19 7.35 -1.60
N GLN C 6 -25.57 6.14 -1.97
CA GLN C 6 -24.61 5.08 -2.26
C GLN C 6 -24.38 4.96 -3.76
N SER C 7 -23.28 4.33 -4.14
CA SER C 7 -22.99 4.04 -5.53
C SER C 7 -23.97 2.99 -6.05
N GLY C 8 -23.97 2.77 -7.38
CA GLY C 8 -24.97 1.92 -8.00
C GLY C 8 -24.65 0.43 -7.95
N ALA C 9 -25.62 -0.37 -8.43
CA ALA C 9 -25.50 -1.82 -8.39
C ALA C 9 -24.28 -2.30 -9.16
N GLU C 10 -23.72 -3.43 -8.72
CA GLU C 10 -22.57 -4.01 -9.38
C GLU C 10 -22.75 -5.52 -9.53
N VAL C 11 -22.09 -6.05 -10.56
CA VAL C 11 -21.96 -7.48 -10.79
C VAL C 11 -20.48 -7.81 -10.75
N LYS C 12 -20.10 -8.81 -9.95
CA LYS C 12 -18.70 -9.14 -9.75
C LYS C 12 -18.48 -10.63 -9.97
N LYS C 13 -17.35 -10.96 -10.61
CA LYS C 13 -16.96 -12.34 -10.76
C LYS C 13 -16.52 -12.92 -9.41
N PRO C 14 -16.71 -14.21 -9.19
CA PRO C 14 -16.21 -14.82 -7.95
C PRO C 14 -14.70 -14.70 -7.86
N GLY C 15 -14.20 -14.45 -6.65
CA GLY C 15 -12.79 -14.26 -6.42
C GLY C 15 -12.31 -12.83 -6.53
N SER C 16 -13.10 -11.93 -7.10
CA SER C 16 -12.68 -10.55 -7.29
C SER C 16 -12.98 -9.72 -6.04
N SER C 17 -12.90 -8.40 -6.17
CA SER C 17 -13.12 -7.46 -5.09
C SER C 17 -14.10 -6.38 -5.56
N VAL C 18 -14.93 -5.91 -4.63
CA VAL C 18 -15.89 -4.85 -4.90
C VAL C 18 -15.62 -3.70 -3.94
N LYS C 19 -15.86 -2.48 -4.41
CA LYS C 19 -15.76 -1.29 -3.57
C LYS C 19 -17.01 -0.45 -3.78
N VAL C 20 -17.76 -0.24 -2.70
CA VAL C 20 -19.02 0.51 -2.68
C VAL C 20 -18.78 1.83 -1.93
N SER C 21 -19.40 2.90 -2.41
CA SER C 21 -19.24 4.21 -1.79
C SER C 21 -20.55 4.68 -1.16
N CYS C 22 -20.41 5.64 -0.23
CA CYS C 22 -21.55 6.25 0.46
C CYS C 22 -21.19 7.72 0.70
N LYS C 23 -21.81 8.61 -0.07
CA LYS C 23 -21.55 10.04 0.09
C LYS C 23 -22.56 10.65 1.06
N ALA C 24 -22.05 11.31 2.10
CA ALA C 24 -22.88 11.87 3.15
C ALA C 24 -23.03 13.37 2.95
N SER C 25 -24.23 13.88 3.26
CA SER C 25 -24.52 15.30 3.23
C SER C 25 -25.19 15.71 4.53
N GLY C 26 -24.81 16.88 5.04
CA GLY C 26 -25.38 17.37 6.28
C GLY C 26 -24.51 17.08 7.49
N GLY C 27 -24.14 18.10 8.25
CA GLY C 27 -23.32 17.92 9.42
C GLY C 27 -21.84 17.76 9.10
N THR C 28 -21.03 17.72 10.16
CA THR C 28 -19.59 17.52 10.02
C THR C 28 -19.30 16.04 9.79
N PHE C 29 -18.90 15.71 8.56
CA PHE C 29 -18.71 14.31 8.17
C PHE C 29 -17.72 13.58 9.07
N SER C 30 -16.59 14.22 9.38
CA SER C 30 -15.53 13.50 10.10
C SER C 30 -15.90 13.13 11.53
N ILE C 31 -16.95 13.74 12.08
CA ILE C 31 -17.26 13.60 13.50
C ILE C 31 -18.12 12.38 13.83
N TYR C 32 -18.91 11.88 12.87
CA TYR C 32 -19.93 10.89 13.19
C TYR C 32 -19.57 9.50 12.67
N ALA C 33 -20.01 8.48 13.42
CA ALA C 33 -19.72 7.09 13.11
C ALA C 33 -20.59 6.60 11.96
N ILE C 34 -19.96 5.91 11.00
CA ILE C 34 -20.62 5.33 9.85
C ILE C 34 -20.42 3.83 9.91
N SER C 35 -21.46 3.05 9.66
CA SER C 35 -21.32 1.60 9.59
C SER C 35 -21.76 1.07 8.24
N TRP C 36 -21.36 -0.17 7.94
CA TRP C 36 -21.86 -0.90 6.78
C TRP C 36 -22.55 -2.16 7.28
N VAL C 37 -23.73 -2.42 6.70
CA VAL C 37 -24.61 -3.53 7.07
C VAL C 37 -25.07 -4.17 5.77
N ARG C 38 -25.06 -5.50 5.71
CA ARG C 38 -25.55 -6.15 4.51
C ARG C 38 -26.74 -7.05 4.78
N GLN C 39 -27.42 -7.41 3.70
CA GLN C 39 -28.62 -8.24 3.76
C GLN C 39 -28.62 -9.13 2.54
N ALA C 40 -28.34 -10.41 2.74
CA ALA C 40 -28.49 -11.38 1.66
C ALA C 40 -29.99 -11.57 1.37
N PRO C 41 -30.33 -11.95 0.13
CA PRO C 41 -31.75 -12.06 -0.25
C PRO C 41 -32.52 -12.98 0.68
N GLY C 42 -33.62 -12.47 1.22
CA GLY C 42 -34.47 -13.23 2.13
C GLY C 42 -33.91 -13.44 3.52
N GLN C 43 -32.78 -12.84 3.86
CA GLN C 43 -32.12 -13.05 5.14
C GLN C 43 -32.17 -11.76 5.97
N GLY C 44 -31.65 -11.84 7.21
CA GLY C 44 -31.66 -10.72 8.12
C GLY C 44 -30.50 -9.76 7.89
N LEU C 45 -30.51 -8.69 8.67
CA LEU C 45 -29.45 -7.69 8.65
C LEU C 45 -28.20 -8.21 9.36
N GLU C 46 -27.05 -7.76 8.89
CA GLU C 46 -25.76 -8.25 9.36
C GLU C 46 -24.76 -7.11 9.38
N TRP C 47 -24.27 -6.76 10.56
CA TRP C 47 -23.33 -5.65 10.70
C TRP C 47 -21.94 -6.09 10.28
N MET C 48 -21.29 -5.29 9.42
CA MET C 48 -19.99 -5.67 8.86
C MET C 48 -18.82 -4.95 9.52
N GLY C 49 -18.99 -3.68 9.86
CA GLY C 49 -17.91 -2.86 10.35
C GLY C 49 -18.33 -1.42 10.31
N GLY C 50 -17.45 -0.56 10.84
CA GLY C 50 -17.75 0.86 10.89
C GLY C 50 -16.49 1.67 11.08
N ILE C 51 -16.62 2.99 10.95
CA ILE C 51 -15.47 3.88 11.08
C ILE C 51 -15.95 5.24 11.57
N ILE C 52 -15.10 5.92 12.33
CA ILE C 52 -15.25 7.34 12.63
C ILE C 52 -14.15 8.07 11.86
N PRO C 53 -14.49 8.85 10.82
CA PRO C 53 -13.43 9.37 9.93
C PRO C 53 -12.32 10.13 10.64
N ILE C 54 -12.63 11.00 11.61
CA ILE C 54 -11.58 11.82 12.21
C ILE C 54 -10.50 10.95 12.84
N PHE C 55 -10.89 9.79 13.36
CA PHE C 55 -9.92 8.86 13.93
C PHE C 55 -9.25 7.99 12.87
N GLY C 56 -9.94 7.69 11.77
CA GLY C 56 -9.43 6.74 10.80
C GLY C 56 -9.42 5.33 11.35
N THR C 57 -9.99 5.16 12.54
CA THR C 57 -10.05 3.88 13.22
C THR C 57 -11.29 3.13 12.74
N ALA C 58 -11.09 2.03 12.04
CA ALA C 58 -12.18 1.16 11.60
C ALA C 58 -12.18 -0.12 12.41
N ASN C 59 -13.38 -0.61 12.73
CA ASN C 59 -13.51 -1.92 13.35
C ASN C 59 -14.42 -2.79 12.48
N TYR C 60 -14.34 -4.09 12.70
CA TYR C 60 -15.03 -5.06 11.85
C TYR C 60 -15.57 -6.20 12.70
N ALA C 61 -16.66 -6.80 12.22
CA ALA C 61 -17.11 -8.06 12.80
C ALA C 61 -16.08 -9.16 12.52
N GLN C 62 -15.98 -10.10 13.45
CA GLN C 62 -15.00 -11.18 13.30
C GLN C 62 -15.25 -11.98 12.03
N LYS C 63 -16.50 -12.12 11.61
CA LYS C 63 -16.81 -12.85 10.39
C LYS C 63 -16.16 -12.21 9.16
N PHE C 64 -16.04 -10.89 9.14
CA PHE C 64 -15.51 -10.18 7.99
C PHE C 64 -14.08 -9.67 8.20
N GLN C 65 -13.45 -10.04 9.31
CA GLN C 65 -12.09 -9.59 9.57
C GLN C 65 -11.14 -10.21 8.56
N GLY C 66 -10.35 -9.37 7.89
CA GLY C 66 -9.38 -9.81 6.92
C GLY C 66 -9.84 -9.74 5.48
N ARG C 67 -11.15 -9.64 5.24
CA ARG C 67 -11.70 -9.50 3.90
C ARG C 67 -12.27 -8.12 3.62
N VAL C 68 -12.62 -7.36 4.65
CA VAL C 68 -13.30 -6.08 4.49
C VAL C 68 -12.37 -4.95 4.93
N THR C 69 -12.36 -3.88 4.16
CA THR C 69 -11.63 -2.65 4.46
C THR C 69 -12.62 -1.51 4.34
N ILE C 70 -12.79 -0.75 5.41
CA ILE C 70 -13.65 0.42 5.41
C ILE C 70 -12.76 1.65 5.58
N THR C 71 -12.95 2.63 4.70
CA THR C 71 -12.17 3.86 4.70
C THR C 71 -13.11 5.05 4.58
N ALA C 72 -12.56 6.24 4.76
CA ALA C 72 -13.35 7.45 4.66
C ALA C 72 -12.48 8.58 4.14
N ASP C 73 -13.07 9.46 3.32
CA ASP C 73 -12.36 10.55 2.67
C ASP C 73 -13.06 11.86 3.00
N LYS C 74 -12.49 12.65 3.90
CA LYS C 74 -13.14 13.88 4.33
C LYS C 74 -13.17 14.94 3.23
N SER C 75 -12.33 14.82 2.20
CA SER C 75 -12.37 15.82 1.13
C SER C 75 -13.63 15.69 0.28
N THR C 76 -14.29 14.54 0.27
CA THR C 76 -15.54 14.36 -0.46
C THR C 76 -16.68 13.89 0.42
N SER C 77 -16.46 13.76 1.73
CA SER C 77 -17.45 13.24 2.69
C SER C 77 -18.01 11.90 2.22
N THR C 78 -17.10 10.99 1.85
CA THR C 78 -17.49 9.68 1.36
C THR C 78 -16.84 8.59 2.19
N ALA C 79 -17.63 7.60 2.57
CA ALA C 79 -17.14 6.36 3.16
C ALA C 79 -17.13 5.26 2.12
N TYR C 80 -16.17 4.35 2.24
CA TYR C 80 -16.02 3.23 1.32
C TYR C 80 -15.99 1.93 2.10
N MET C 81 -16.48 0.88 1.45
CA MET C 81 -16.41 -0.49 1.94
C MET C 81 -15.87 -1.34 0.81
N GLU C 82 -14.74 -1.99 1.03
CA GLU C 82 -14.16 -2.89 0.04
C GLU C 82 -14.18 -4.30 0.60
N LEU C 83 -14.73 -5.23 -0.18
CA LEU C 83 -14.83 -6.63 0.22
C LEU C 83 -14.15 -7.48 -0.85
N SER C 84 -13.18 -8.27 -0.44
CA SER C 84 -12.37 -9.06 -1.37
C SER C 84 -12.72 -10.54 -1.29
N SER C 85 -12.16 -11.29 -2.23
CA SER C 85 -12.39 -12.75 -2.34
C SER C 85 -13.88 -13.07 -2.36
N LEU C 86 -14.58 -12.39 -3.26
CA LEU C 86 -16.05 -12.50 -3.30
C LEU C 86 -16.48 -13.93 -3.60
N ARG C 87 -17.44 -14.41 -2.83
CA ARG C 87 -18.10 -15.69 -3.03
C ARG C 87 -19.58 -15.44 -3.33
N SER C 88 -20.26 -16.47 -3.82
CA SER C 88 -21.67 -16.27 -4.16
C SER C 88 -22.49 -15.93 -2.93
N GLU C 89 -22.08 -16.40 -1.75
CA GLU C 89 -22.73 -16.03 -0.50
C GLU C 89 -22.60 -14.53 -0.18
N ASP C 90 -21.74 -13.80 -0.88
CA ASP C 90 -21.63 -12.36 -0.67
C ASP C 90 -22.62 -11.56 -1.51
N THR C 91 -23.42 -12.24 -2.33
CA THR C 91 -24.51 -11.55 -3.02
C THR C 91 -25.48 -11.01 -1.98
N ALA C 92 -25.72 -9.70 -2.03
CA ALA C 92 -26.43 -9.04 -0.95
C ALA C 92 -26.66 -7.58 -1.32
N VAL C 93 -27.59 -6.96 -0.61
CA VAL C 93 -27.72 -5.51 -0.58
C VAL C 93 -26.81 -4.99 0.53
N TYR C 94 -25.95 -4.04 0.19
CA TYR C 94 -25.03 -3.41 1.15
C TYR C 94 -25.55 -2.02 1.47
N TYR C 95 -25.70 -1.71 2.76
CA TYR C 95 -26.19 -0.44 3.25
C TYR C 95 -25.10 0.25 4.05
N CYS C 96 -24.97 1.57 3.86
CA CYS C 96 -24.26 2.41 4.81
C CYS C 96 -25.28 3.02 5.75
N ALA C 97 -24.87 3.23 7.00
CA ALA C 97 -25.75 3.73 8.04
C ALA C 97 -24.93 4.63 8.96
N ARG C 98 -25.54 5.71 9.42
CA ARG C 98 -24.85 6.66 10.27
C ARG C 98 -25.61 6.84 11.58
N GLU C 99 -24.86 7.01 12.66
CA GLU C 99 -25.44 7.34 13.96
C GLU C 99 -26.30 8.59 13.85
N GLY C 100 -27.29 8.70 14.75
CA GLY C 100 -28.15 9.87 14.73
C GLY C 100 -27.44 11.14 15.13
N GLY C 101 -26.37 11.03 15.89
CA GLY C 101 -25.53 12.16 16.21
C GLY C 101 -25.88 12.92 17.48
N HIS C 102 -26.78 12.39 18.31
CA HIS C 102 -27.14 13.12 19.53
C HIS C 102 -26.82 12.39 20.81
N GLN C 103 -26.21 11.21 20.74
CA GLN C 103 -25.64 10.62 21.95
C GLN C 103 -24.56 11.55 22.49
N GLY C 104 -24.55 11.73 23.81
CA GLY C 104 -23.59 12.63 24.43
C GLY C 104 -22.15 12.24 24.16
N TYR C 105 -21.89 10.93 24.11
CA TYR C 105 -20.56 10.41 23.78
C TYR C 105 -20.75 9.03 23.18
N CYS C 106 -19.68 8.49 22.61
CA CYS C 106 -19.75 7.18 21.95
C CYS C 106 -18.98 6.15 22.79
N SER C 107 -19.75 5.29 23.47
CA SER C 107 -19.18 4.31 24.38
C SER C 107 -18.30 3.32 23.64
N GLY C 108 -17.08 3.14 24.11
CA GLY C 108 -16.17 2.22 23.47
C GLY C 108 -15.60 2.72 22.14
N GLY C 109 -15.94 3.94 21.73
CA GLY C 109 -15.39 4.53 20.53
C GLY C 109 -16.38 4.78 19.41
N SER C 110 -17.57 4.19 19.47
CA SER C 110 -18.46 4.21 18.32
C SER C 110 -19.92 4.24 18.75
N CYS C 111 -20.73 5.01 18.02
CA CYS C 111 -22.18 5.05 18.21
C CYS C 111 -22.87 4.23 17.13
N TYR C 112 -23.94 3.53 17.50
CA TYR C 112 -24.61 2.60 16.60
C TYR C 112 -26.13 2.79 16.54
N ASP C 113 -26.66 3.92 17.00
CA ASP C 113 -28.08 4.23 16.84
C ASP C 113 -28.29 4.69 15.40
N PHE C 114 -28.60 3.72 14.52
CA PHE C 114 -28.59 3.96 13.06
C PHE C 114 -29.84 4.69 12.62
N ASP C 115 -29.83 6.01 12.80
CA ASP C 115 -30.98 6.83 12.44
C ASP C 115 -31.04 7.14 10.95
N TYR C 116 -29.92 6.99 10.24
CA TYR C 116 -29.82 7.36 8.82
C TYR C 116 -29.27 6.17 8.05
N TRP C 117 -29.93 5.86 6.93
CA TRP C 117 -29.60 4.71 6.09
C TRP C 117 -29.49 5.16 4.65
N GLY C 118 -28.50 4.64 3.94
CA GLY C 118 -28.46 4.79 2.50
C GLY C 118 -29.53 3.96 1.82
N GLN C 119 -29.62 4.10 0.49
CA GLN C 119 -30.64 3.38 -0.26
C GLN C 119 -30.24 1.94 -0.56
N GLY C 120 -29.02 1.55 -0.23
CA GLY C 120 -28.62 0.18 -0.51
C GLY C 120 -27.97 0.06 -1.87
N THR C 121 -27.02 -0.88 -1.96
CA THR C 121 -26.30 -1.20 -3.17
C THR C 121 -26.39 -2.71 -3.34
N LEU C 122 -26.99 -3.17 -4.43
CA LEU C 122 -27.03 -4.60 -4.71
C LEU C 122 -25.71 -5.02 -5.33
N VAL C 123 -25.06 -6.01 -4.72
CA VAL C 123 -23.85 -6.60 -5.27
C VAL C 123 -24.17 -8.06 -5.58
N THR C 124 -24.05 -8.43 -6.87
CA THR C 124 -24.34 -9.78 -7.32
C THR C 124 -23.01 -10.44 -7.67
N VAL C 125 -22.66 -11.49 -6.95
CA VAL C 125 -21.46 -12.26 -7.23
C VAL C 125 -21.86 -13.49 -8.03
N SER C 126 -21.34 -13.60 -9.25
CA SER C 126 -21.77 -14.68 -10.14
C SER C 126 -20.79 -14.80 -11.30
N SER C 127 -20.71 -16.01 -11.85
CA SER C 127 -19.96 -16.25 -13.08
C SER C 127 -20.77 -15.95 -14.33
N ALA C 128 -22.06 -15.66 -14.19
CA ALA C 128 -22.94 -15.52 -15.35
C ALA C 128 -22.67 -14.22 -16.10
N SER C 129 -22.97 -14.23 -17.40
CA SER C 129 -22.90 -13.03 -18.21
C SER C 129 -24.27 -12.38 -18.33
N THR C 130 -24.28 -11.07 -18.54
CA THR C 130 -25.52 -10.33 -18.73
C THR C 130 -26.34 -10.96 -19.86
N LYS C 131 -27.64 -11.13 -19.63
CA LYS C 131 -28.47 -11.86 -20.58
C LYS C 131 -29.94 -11.48 -20.38
N GLY C 132 -30.60 -11.08 -21.46
CA GLY C 132 -32.01 -10.77 -21.41
C GLY C 132 -32.86 -12.02 -21.31
N PRO C 133 -34.09 -11.88 -20.83
CA PRO C 133 -34.95 -13.04 -20.62
C PRO C 133 -35.64 -13.52 -21.91
N SER C 134 -35.99 -14.81 -21.90
CA SER C 134 -36.96 -15.36 -22.84
C SER C 134 -38.34 -15.22 -22.23
N VAL C 135 -39.31 -14.77 -23.00
CA VAL C 135 -40.66 -14.60 -22.50
C VAL C 135 -41.61 -15.59 -23.13
N PHE C 136 -42.12 -16.50 -22.30
CA PHE C 136 -43.03 -17.53 -22.77
C PHE C 136 -44.45 -17.28 -22.24
N PRO C 137 -45.47 -17.51 -23.05
CA PRO C 137 -46.83 -17.25 -22.58
C PRO C 137 -47.31 -18.32 -21.62
N LEU C 138 -48.16 -17.89 -20.69
CA LEU C 138 -48.97 -18.77 -19.85
C LEU C 138 -50.40 -18.58 -20.36
N ALA C 139 -50.80 -19.44 -21.31
CA ALA C 139 -52.08 -19.27 -22.00
C ALA C 139 -53.25 -19.61 -21.09
N PRO C 140 -54.33 -18.85 -21.13
CA PRO C 140 -55.49 -19.17 -20.29
C PRO C 140 -56.14 -20.48 -20.74
N SER C 141 -56.74 -21.17 -19.77
CA SER C 141 -57.35 -22.48 -19.99
C SER C 141 -58.52 -22.42 -20.98
N GLY C 148 -66.41 -17.64 -15.67
CA GLY C 148 -66.25 -16.55 -14.73
C GLY C 148 -64.99 -15.73 -14.93
N THR C 149 -63.90 -16.15 -14.27
CA THR C 149 -62.63 -15.45 -14.35
C THR C 149 -61.55 -16.41 -14.81
N ALA C 150 -60.68 -15.94 -15.70
CA ALA C 150 -59.58 -16.73 -16.23
C ALA C 150 -58.25 -16.10 -15.84
N ALA C 151 -57.21 -16.92 -15.79
CA ALA C 151 -55.87 -16.48 -15.44
C ALA C 151 -54.93 -16.70 -16.62
N LEU C 152 -54.02 -15.74 -16.82
CA LEU C 152 -53.04 -15.84 -17.89
C LEU C 152 -51.79 -15.14 -17.41
N GLY C 153 -50.69 -15.36 -18.12
CA GLY C 153 -49.45 -14.78 -17.64
C GLY C 153 -48.33 -14.88 -18.65
N CYS C 154 -47.14 -14.60 -18.15
CA CYS C 154 -45.91 -14.67 -18.88
C CYS C 154 -44.84 -15.24 -18.01
N LEU C 155 -44.11 -16.19 -18.53
CA LEU C 155 -42.96 -16.75 -17.84
C LEU C 155 -41.71 -16.04 -18.37
N VAL C 156 -41.06 -15.27 -17.51
CA VAL C 156 -39.90 -14.45 -17.85
C VAL C 156 -38.68 -15.20 -17.33
N LYS C 157 -38.00 -15.93 -18.21
CA LYS C 157 -37.08 -16.98 -17.78
C LYS C 157 -35.65 -16.70 -18.23
N ASP C 158 -34.69 -17.07 -17.37
CA ASP C 158 -33.28 -17.16 -17.72
C ASP C 158 -32.68 -15.80 -18.06
N TYR C 159 -32.80 -14.85 -17.13
CA TYR C 159 -32.17 -13.56 -17.31
C TYR C 159 -31.13 -13.31 -16.22
N PHE C 160 -30.22 -12.38 -16.49
CA PHE C 160 -29.18 -12.04 -15.53
C PHE C 160 -28.60 -10.69 -15.90
N PRO C 161 -28.35 -9.79 -14.92
CA PRO C 161 -28.75 -9.97 -13.53
C PRO C 161 -30.14 -9.40 -13.25
N GLU C 162 -30.53 -9.36 -11.97
CA GLU C 162 -31.66 -8.58 -11.55
C GLU C 162 -31.43 -7.10 -11.84
N PRO C 163 -32.50 -6.31 -12.03
CA PRO C 163 -33.91 -6.70 -12.02
C PRO C 163 -34.59 -6.68 -13.40
N VAL C 164 -35.80 -7.22 -13.46
CA VAL C 164 -36.71 -7.01 -14.58
C VAL C 164 -37.99 -6.36 -14.04
N THR C 165 -38.61 -5.53 -14.88
CA THR C 165 -39.93 -4.99 -14.61
C THR C 165 -40.89 -5.53 -15.67
N VAL C 166 -42.10 -5.81 -15.26
CA VAL C 166 -43.09 -6.32 -16.16
C VAL C 166 -44.29 -5.38 -16.14
N SER C 167 -44.92 -5.19 -17.26
CA SER C 167 -46.12 -4.42 -17.32
C SER C 167 -47.07 -5.08 -18.30
N TRP C 168 -48.35 -4.82 -18.14
CA TRP C 168 -49.32 -5.39 -19.05
C TRP C 168 -49.91 -4.26 -19.81
N ASN C 169 -50.19 -4.47 -21.12
CA ASN C 169 -50.81 -3.53 -22.05
C ASN C 169 -50.27 -2.12 -21.85
N SER C 170 -48.94 -2.04 -21.69
CA SER C 170 -48.21 -0.77 -21.52
C SER C 170 -48.73 0.01 -20.32
N GLY C 171 -48.97 -0.70 -19.21
CA GLY C 171 -49.43 -0.08 -18.00
C GLY C 171 -50.93 0.13 -17.90
N ALA C 172 -51.70 -0.17 -18.95
CA ALA C 172 -53.14 0.08 -18.91
C ALA C 172 -53.88 -0.96 -18.07
N LEU C 173 -53.26 -2.11 -17.80
CA LEU C 173 -53.87 -3.17 -17.00
C LEU C 173 -53.06 -3.36 -15.73
N THR C 174 -53.66 -3.01 -14.59
CA THR C 174 -52.99 -3.10 -13.29
C THR C 174 -53.81 -3.91 -12.28
N SER C 175 -55.12 -3.94 -12.44
CA SER C 175 -55.98 -4.66 -11.51
C SER C 175 -55.80 -6.16 -11.67
N GLY C 176 -55.54 -6.85 -10.55
CA GLY C 176 -55.38 -8.30 -10.56
C GLY C 176 -54.04 -8.79 -11.06
N VAL C 177 -53.04 -7.92 -11.22
CA VAL C 177 -51.72 -8.31 -11.68
C VAL C 177 -50.89 -8.76 -10.49
N HIS C 178 -50.24 -9.91 -10.62
CA HIS C 178 -49.25 -10.36 -9.64
C HIS C 178 -47.97 -10.68 -10.39
N THR C 179 -46.89 -9.95 -10.08
CA THR C 179 -45.57 -10.24 -10.62
C THR C 179 -44.74 -10.79 -9.46
N PHE C 180 -44.40 -12.08 -9.54
CA PHE C 180 -43.78 -12.76 -8.42
C PHE C 180 -42.31 -12.35 -8.30
N PRO C 181 -41.77 -12.39 -7.08
CA PRO C 181 -40.33 -12.20 -6.92
C PRO C 181 -39.56 -13.24 -7.72
N ALA C 182 -38.43 -12.83 -8.28
CA ALA C 182 -37.58 -13.74 -9.02
C ALA C 182 -37.02 -14.82 -8.12
N VAL C 183 -36.73 -15.98 -8.70
CA VAL C 183 -35.99 -17.03 -8.03
C VAL C 183 -34.71 -17.28 -8.80
N LEU C 184 -33.64 -17.57 -8.06
CA LEU C 184 -32.35 -17.92 -8.65
C LEU C 184 -32.38 -19.40 -8.98
N GLN C 185 -32.24 -19.72 -10.26
CA GLN C 185 -32.22 -21.11 -10.69
C GLN C 185 -30.82 -21.67 -10.53
N SER C 186 -30.73 -23.01 -10.53
CA SER C 186 -29.44 -23.67 -10.37
C SER C 186 -28.48 -23.35 -11.52
N SER C 187 -29.00 -22.88 -12.66
CA SER C 187 -28.14 -22.47 -13.77
C SER C 187 -27.42 -21.15 -13.49
N GLY C 188 -27.78 -20.44 -12.42
CA GLY C 188 -27.24 -19.13 -12.16
C GLY C 188 -28.03 -18.00 -12.78
N LEU C 189 -29.12 -18.30 -13.49
CA LEU C 189 -29.95 -17.29 -14.14
C LEU C 189 -31.26 -17.14 -13.37
N TYR C 190 -31.84 -15.95 -13.44
CA TYR C 190 -33.06 -15.69 -12.68
C TYR C 190 -34.30 -16.02 -13.52
N SER C 191 -35.42 -16.19 -12.81
CA SER C 191 -36.67 -16.49 -13.49
C SER C 191 -37.82 -16.02 -12.61
N LEU C 192 -38.83 -15.43 -13.24
CA LEU C 192 -40.05 -15.10 -12.53
C LEU C 192 -41.23 -15.23 -13.47
N SER C 193 -42.43 -15.19 -12.90
CA SER C 193 -43.67 -15.20 -13.64
C SER C 193 -44.50 -13.98 -13.25
N SER C 194 -45.23 -13.44 -14.22
CA SER C 194 -46.22 -12.40 -13.99
C SER C 194 -47.57 -12.93 -14.48
N VAL C 195 -48.60 -12.85 -13.65
CA VAL C 195 -49.91 -13.38 -13.98
C VAL C 195 -50.97 -12.32 -13.71
N VAL C 196 -52.13 -12.48 -14.35
CA VAL C 196 -53.25 -11.58 -14.15
C VAL C 196 -54.54 -12.34 -14.38
N THR C 197 -55.57 -12.01 -13.59
CA THR C 197 -56.89 -12.60 -13.73
C THR C 197 -57.78 -11.64 -14.52
N VAL C 198 -58.51 -12.17 -15.48
CA VAL C 198 -59.31 -11.36 -16.40
C VAL C 198 -60.68 -12.02 -16.56
N PRO C 199 -61.69 -11.25 -16.98
CA PRO C 199 -62.99 -11.85 -17.26
C PRO C 199 -62.89 -12.89 -18.37
N SER C 200 -63.48 -14.06 -18.13
CA SER C 200 -63.42 -15.15 -19.08
C SER C 200 -64.10 -14.81 -20.40
N SER C 201 -65.07 -13.89 -20.39
CA SER C 201 -65.80 -13.56 -21.61
C SER C 201 -64.99 -12.69 -22.55
N SER C 202 -64.16 -11.80 -22.01
CA SER C 202 -63.40 -10.84 -22.81
C SER C 202 -62.17 -11.45 -23.47
N LEU C 203 -61.98 -12.76 -23.36
CA LEU C 203 -60.78 -13.39 -23.92
C LEU C 203 -60.79 -13.39 -25.44
N GLY C 204 -61.97 -13.33 -26.06
CA GLY C 204 -62.03 -13.33 -27.51
C GLY C 204 -61.96 -11.97 -28.16
N THR C 205 -61.89 -10.90 -27.37
CA THR C 205 -61.90 -9.55 -27.92
C THR C 205 -60.76 -8.71 -27.38
N GLN C 206 -60.36 -8.94 -26.13
CA GLN C 206 -59.33 -8.13 -25.50
C GLN C 206 -57.95 -8.72 -25.73
N THR C 207 -57.01 -7.87 -26.14
CA THR C 207 -55.63 -8.28 -26.36
C THR C 207 -54.83 -8.08 -25.06
N TYR C 208 -54.08 -9.11 -24.70
CA TYR C 208 -53.24 -9.07 -23.51
C TYR C 208 -51.79 -9.19 -23.93
N ILE C 209 -51.05 -8.13 -23.68
CA ILE C 209 -49.65 -8.03 -24.03
C ILE C 209 -48.77 -7.79 -22.82
N CYS C 210 -47.70 -8.56 -22.76
CA CYS C 210 -46.73 -8.52 -21.72
C CYS C 210 -45.61 -7.59 -22.08
N ASN C 211 -45.29 -6.62 -21.25
CA ASN C 211 -44.14 -5.76 -21.55
C ASN C 211 -43.06 -6.08 -20.53
N VAL C 212 -41.92 -6.55 -20.99
CA VAL C 212 -40.83 -6.94 -20.12
C VAL C 212 -39.58 -6.11 -20.38
N ASN C 213 -39.11 -5.42 -19.35
CA ASN C 213 -37.95 -4.54 -19.48
C ASN C 213 -36.80 -5.05 -18.64
N HIS C 214 -35.64 -5.25 -19.26
CA HIS C 214 -34.43 -5.69 -18.58
C HIS C 214 -33.33 -4.67 -18.84
N LYS C 215 -33.26 -3.65 -18.00
CA LYS C 215 -32.28 -2.58 -18.20
C LYS C 215 -30.83 -3.06 -18.30
N PRO C 216 -30.35 -4.02 -17.50
CA PRO C 216 -28.95 -4.45 -17.65
C PRO C 216 -28.57 -4.88 -19.07
N SER C 217 -29.49 -5.50 -19.80
CA SER C 217 -29.25 -5.84 -21.20
C SER C 217 -29.81 -4.81 -22.17
N ASN C 218 -30.45 -3.75 -21.66
CA ASN C 218 -31.00 -2.68 -22.49
C ASN C 218 -32.03 -3.23 -23.49
N THR C 219 -32.88 -4.15 -23.03
CA THR C 219 -33.89 -4.77 -23.88
C THR C 219 -35.26 -4.63 -23.23
N LYS C 220 -36.21 -4.09 -24.00
CA LYS C 220 -37.62 -4.08 -23.64
C LYS C 220 -38.38 -4.78 -24.76
N VAL C 221 -39.11 -5.83 -24.40
CA VAL C 221 -39.83 -6.59 -25.37
C VAL C 221 -41.28 -6.74 -25.01
N ASP C 222 -42.09 -6.93 -26.02
CA ASP C 222 -43.52 -7.12 -25.85
C ASP C 222 -43.89 -8.53 -26.22
N LYS C 223 -44.85 -9.14 -25.53
CA LYS C 223 -45.25 -10.51 -25.85
C LYS C 223 -46.75 -10.71 -25.73
N LYS C 224 -47.41 -11.05 -26.82
CA LYS C 224 -48.85 -11.27 -26.77
C LYS C 224 -49.16 -12.63 -26.16
N VAL C 225 -50.17 -12.67 -25.29
CA VAL C 225 -50.61 -13.90 -24.64
C VAL C 225 -52.05 -14.14 -25.07
N GLU C 226 -52.31 -15.29 -25.67
CA GLU C 226 -53.62 -15.61 -26.22
C GLU C 226 -53.95 -17.08 -25.97
N PRO C 227 -55.22 -17.45 -25.97
CA PRO C 227 -55.57 -18.86 -25.79
C PRO C 227 -55.07 -19.71 -26.95
N LYS C 228 -54.75 -20.96 -26.63
CA LYS C 228 -54.18 -21.87 -27.63
C LYS C 228 -55.27 -22.54 -28.46
N VAL D 2 -22.10 -12.45 21.84
CA VAL D 2 -23.44 -12.08 22.26
C VAL D 2 -24.50 -12.59 21.27
N VAL D 3 -25.36 -13.48 21.75
CA VAL D 3 -26.44 -14.07 20.95
C VAL D 3 -27.74 -13.37 21.31
N MET D 4 -28.46 -12.88 20.30
CA MET D 4 -29.79 -12.30 20.47
C MET D 4 -30.84 -13.27 19.95
N THR D 5 -31.78 -13.65 20.80
CA THR D 5 -32.87 -14.55 20.44
C THR D 5 -34.15 -13.74 20.39
N GLN D 6 -34.67 -13.53 19.19
CA GLN D 6 -35.88 -12.76 18.97
C GLN D 6 -37.04 -13.72 18.71
N SER D 7 -38.20 -13.43 19.31
CA SER D 7 -39.39 -14.26 19.16
C SER D 7 -40.60 -13.35 19.18
N PRO D 8 -41.69 -13.73 18.47
CA PRO D 8 -41.78 -14.90 17.58
C PRO D 8 -41.17 -14.63 16.20
N LEU D 9 -41.06 -15.69 15.39
CA LEU D 9 -40.56 -15.52 14.03
C LEU D 9 -41.52 -14.72 13.17
N SER D 10 -42.82 -14.95 13.33
CA SER D 10 -43.82 -14.18 12.62
C SER D 10 -44.98 -13.88 13.57
N LEU D 11 -45.66 -12.78 13.31
CA LEU D 11 -46.65 -12.25 14.23
C LEU D 11 -47.82 -11.70 13.44
N PRO D 12 -48.85 -12.52 13.18
CA PRO D 12 -50.09 -11.99 12.61
C PRO D 12 -50.81 -11.17 13.67
N VAL D 13 -51.17 -9.94 13.32
CA VAL D 13 -51.84 -9.02 14.24
C VAL D 13 -53.12 -8.50 13.60
N THR D 14 -54.23 -8.61 14.31
CA THR D 14 -55.47 -7.98 13.87
C THR D 14 -55.34 -6.47 13.98
N PRO D 15 -55.66 -5.71 12.93
CA PRO D 15 -55.48 -4.25 13.00
C PRO D 15 -56.22 -3.67 14.19
N GLY D 16 -55.61 -2.66 14.81
CA GLY D 16 -56.16 -2.03 16.00
C GLY D 16 -55.73 -2.65 17.31
N GLU D 17 -55.27 -3.92 17.31
CA GLU D 17 -54.87 -4.64 18.50
C GLU D 17 -53.38 -4.43 18.80
N PRO D 18 -52.98 -4.55 20.07
CA PRO D 18 -51.56 -4.39 20.41
C PRO D 18 -50.74 -5.59 19.95
N ALA D 19 -49.43 -5.34 19.81
CA ALA D 19 -48.47 -6.39 19.51
C ALA D 19 -47.24 -6.21 20.40
N SER D 20 -46.56 -7.33 20.67
CA SER D 20 -45.33 -7.31 21.46
C SER D 20 -44.31 -8.25 20.84
N ILE D 21 -43.07 -7.78 20.74
CA ILE D 21 -41.95 -8.56 20.23
C ILE D 21 -40.92 -8.64 21.35
N SER D 22 -40.31 -9.81 21.51
CA SER D 22 -39.33 -10.04 22.56
C SER D 22 -37.95 -10.31 21.97
N CYS D 23 -36.94 -9.88 22.73
CA CYS D 23 -35.54 -10.10 22.37
C CYS D 23 -34.84 -10.49 23.66
N ARG D 24 -34.15 -11.63 23.66
CA ARG D 24 -33.39 -12.09 24.80
C ARG D 24 -31.93 -12.22 24.41
N SER D 25 -31.06 -11.59 25.19
CA SER D 25 -29.63 -11.58 24.96
C SER D 25 -28.94 -12.59 25.87
N SER D 26 -27.85 -13.18 25.38
CA SER D 26 -27.11 -14.17 26.16
C SER D 26 -26.34 -13.53 27.32
N GLN D 27 -26.16 -12.21 27.31
CA GLN D 27 -25.50 -11.56 28.44
C GLN D 27 -26.09 -10.17 28.61
N SER D 28 -25.95 -9.64 29.82
CA SER D 28 -26.56 -8.36 30.14
C SER D 28 -26.11 -7.29 29.15
N LEU D 29 -27.06 -6.44 28.74
CA LEU D 29 -26.78 -5.31 27.88
C LEU D 29 -26.70 -4.00 28.67
N LEU D 30 -26.81 -4.07 30.00
CA LEU D 30 -26.77 -2.88 30.84
C LEU D 30 -25.32 -2.46 31.02
N HIS D 31 -25.00 -1.26 30.55
CA HIS D 31 -23.65 -0.73 30.62
C HIS D 31 -23.43 0.00 31.95
N SER D 32 -22.17 0.07 32.35
CA SER D 32 -21.84 0.79 33.58
C SER D 32 -22.28 2.25 33.53
N ASN D 33 -22.46 2.84 32.34
CA ASN D 33 -22.97 4.20 32.26
C ASN D 33 -24.49 4.28 32.48
N GLY D 34 -25.16 3.17 32.77
CA GLY D 34 -26.57 3.21 33.14
C GLY D 34 -27.56 3.00 32.01
N TYR D 35 -27.08 2.87 30.78
CA TYR D 35 -27.94 2.60 29.64
C TYR D 35 -27.88 1.13 29.23
N ASN D 36 -29.00 0.64 28.70
CA ASN D 36 -29.06 -0.66 28.04
C ASN D 36 -28.85 -0.48 26.54
N TYR D 37 -27.87 -1.20 25.97
CA TYR D 37 -27.49 -1.00 24.58
C TYR D 37 -28.26 -1.96 23.67
N LEU D 38 -29.52 -1.60 23.42
CA LEU D 38 -30.45 -2.40 22.64
C LEU D 38 -31.29 -1.45 21.80
N ASP D 39 -31.27 -1.64 20.48
CA ASP D 39 -32.07 -0.87 19.54
C ASP D 39 -33.11 -1.77 18.87
N TRP D 40 -34.17 -1.14 18.38
CA TRP D 40 -35.17 -1.80 17.56
C TRP D 40 -35.26 -1.11 16.21
N TYR D 41 -35.24 -1.90 15.13
CA TYR D 41 -35.37 -1.41 13.76
C TYR D 41 -36.57 -2.06 13.07
N LEU D 42 -37.18 -1.31 12.16
CA LEU D 42 -38.22 -1.81 11.27
C LEU D 42 -37.73 -1.70 9.82
N GLN D 43 -37.95 -2.75 9.03
CA GLN D 43 -37.68 -2.68 7.60
C GLN D 43 -38.98 -3.01 6.88
N LYS D 44 -39.61 -1.98 6.30
CA LYS D 44 -40.82 -2.20 5.53
C LYS D 44 -40.46 -2.86 4.20
N PRO D 45 -41.42 -3.51 3.54
CA PRO D 45 -41.11 -4.22 2.29
C PRO D 45 -40.49 -3.28 1.25
N GLY D 46 -39.42 -3.76 0.62
CA GLY D 46 -38.71 -2.99 -0.39
C GLY D 46 -38.03 -1.73 0.08
N GLN D 47 -37.83 -1.55 1.38
CA GLN D 47 -37.29 -0.29 1.89
C GLN D 47 -36.02 -0.54 2.70
N SER D 48 -35.25 0.53 2.90
CA SER D 48 -34.12 0.46 3.81
C SER D 48 -34.64 0.34 5.26
N PRO D 49 -33.87 -0.25 6.16
CA PRO D 49 -34.25 -0.26 7.57
C PRO D 49 -34.38 1.16 8.12
N GLN D 50 -35.11 1.27 9.22
CA GLN D 50 -35.29 2.55 9.90
C GLN D 50 -35.31 2.33 11.41
N LEU D 51 -34.84 3.33 12.14
CA LEU D 51 -34.71 3.24 13.59
C LEU D 51 -36.04 3.52 14.27
N LEU D 52 -36.40 2.68 15.25
CA LEU D 52 -37.56 2.94 16.09
C LEU D 52 -37.15 3.33 17.50
N ILE D 53 -36.36 2.49 18.16
CA ILE D 53 -35.98 2.67 19.55
C ILE D 53 -34.47 2.50 19.64
N TYR D 54 -33.82 3.34 20.45
CA TYR D 54 -32.38 3.21 20.66
C TYR D 54 -32.09 3.30 22.15
N LEU D 55 -31.03 2.62 22.56
CA LEU D 55 -30.60 2.61 23.96
C LEU D 55 -31.72 2.10 24.87
N GLY D 56 -32.38 1.04 24.43
CA GLY D 56 -33.41 0.34 25.23
C GLY D 56 -34.81 0.88 25.18
N SER D 57 -34.97 2.20 25.33
CA SER D 57 -36.29 2.76 25.50
C SER D 57 -36.43 4.18 24.93
N ASN D 58 -35.45 4.69 24.20
CA ASN D 58 -35.52 6.04 23.65
C ASN D 58 -36.16 6.00 22.27
N ARG D 59 -37.27 6.71 22.11
CA ARG D 59 -37.97 6.73 20.82
C ARG D 59 -37.24 7.63 19.84
N ALA D 60 -37.00 7.13 18.64
CA ALA D 60 -36.29 7.95 17.65
C ALA D 60 -37.18 9.09 17.18
N SER D 61 -36.54 10.12 16.62
CA SER D 61 -37.25 11.29 16.13
C SER D 61 -38.29 10.92 15.07
N GLY D 62 -39.50 11.43 15.24
CA GLY D 62 -40.56 11.19 14.28
C GLY D 62 -41.25 9.84 14.38
N VAL D 63 -40.86 9.01 15.33
CA VAL D 63 -41.51 7.71 15.52
C VAL D 63 -42.78 7.91 16.36
N PRO D 64 -43.94 7.43 15.90
CA PRO D 64 -45.19 7.72 16.62
C PRO D 64 -45.20 7.15 18.03
N ASP D 65 -46.00 7.78 18.90
CA ASP D 65 -46.10 7.38 20.30
C ASP D 65 -46.52 5.92 20.47
N ARG D 66 -47.02 5.29 19.39
CA ARG D 66 -47.51 3.92 19.48
C ARG D 66 -46.39 2.92 19.77
N PHE D 67 -45.15 3.24 19.41
CA PHE D 67 -44.03 2.34 19.65
C PHE D 67 -43.35 2.68 20.98
N SER D 68 -43.04 1.64 21.77
CA SER D 68 -42.31 1.84 23.01
C SER D 68 -41.42 0.62 23.25
N GLY D 69 -40.26 0.86 23.83
CA GLY D 69 -39.34 -0.20 24.19
C GLY D 69 -39.14 -0.23 25.69
N SER D 70 -38.98 -1.43 26.24
CA SER D 70 -38.73 -1.54 27.68
C SER D 70 -37.82 -2.73 27.93
N GLY D 71 -37.32 -2.82 29.17
CA GLY D 71 -36.49 -3.92 29.57
C GLY D 71 -35.12 -3.51 30.08
N SER D 72 -34.46 -4.39 30.81
CA SER D 72 -33.12 -4.10 31.29
C SER D 72 -32.38 -5.42 31.51
N GLY D 73 -31.09 -5.42 31.21
CA GLY D 73 -30.30 -6.63 31.38
C GLY D 73 -30.32 -7.54 30.17
N THR D 74 -31.14 -8.59 30.21
CA THR D 74 -31.16 -9.59 29.15
C THR D 74 -32.49 -9.72 28.42
N ASP D 75 -33.59 -9.24 28.98
CA ASP D 75 -34.91 -9.41 28.39
C ASP D 75 -35.47 -8.04 28.00
N PHE D 76 -35.85 -7.90 26.74
CA PHE D 76 -36.31 -6.63 26.20
C PHE D 76 -37.57 -6.85 25.38
N THR D 77 -38.42 -5.83 25.36
CA THR D 77 -39.70 -5.93 24.68
C THR D 77 -39.94 -4.67 23.87
N LEU D 78 -40.36 -4.84 22.62
CA LEU D 78 -40.90 -3.77 21.81
C LEU D 78 -42.42 -3.93 21.79
N LYS D 79 -43.14 -2.85 22.07
CA LYS D 79 -44.59 -2.86 22.12
C LYS D 79 -45.16 -1.85 21.13
N ILE D 80 -46.20 -2.28 20.43
CA ILE D 80 -46.98 -1.41 19.54
C ILE D 80 -48.40 -1.40 20.07
N SER D 81 -48.88 -0.22 20.47
CA SER D 81 -50.13 -0.15 21.21
C SER D 81 -51.32 -0.56 20.35
N ARG D 82 -51.38 -0.06 19.11
CA ARG D 82 -52.47 -0.40 18.18
C ARG D 82 -51.86 -0.55 16.80
N VAL D 83 -51.76 -1.79 16.33
CA VAL D 83 -51.08 -2.07 15.08
C VAL D 83 -51.85 -1.47 13.90
N GLU D 84 -51.10 -1.00 12.91
CA GLU D 84 -51.63 -0.29 11.76
C GLU D 84 -51.04 -0.91 10.50
N ALA D 85 -51.75 -0.76 9.38
CA ALA D 85 -51.26 -1.31 8.12
C ALA D 85 -49.82 -0.86 7.85
N GLU D 86 -49.53 0.42 8.08
CA GLU D 86 -48.18 0.95 7.86
C GLU D 86 -47.11 0.18 8.63
N ASP D 87 -47.48 -0.54 9.69
CA ASP D 87 -46.50 -1.15 10.58
C ASP D 87 -45.99 -2.50 10.09
N VAL D 88 -46.56 -3.04 9.00
CA VAL D 88 -46.13 -4.33 8.48
C VAL D 88 -44.68 -4.29 8.07
N GLY D 89 -43.98 -5.40 8.26
CA GLY D 89 -42.58 -5.51 7.88
C GLY D 89 -41.87 -6.47 8.81
N VAL D 90 -40.54 -6.39 8.78
CA VAL D 90 -39.67 -7.21 9.61
C VAL D 90 -39.05 -6.32 10.66
N TYR D 91 -39.25 -6.66 11.94
CA TYR D 91 -38.66 -5.94 13.07
C TYR D 91 -37.40 -6.66 13.54
N TYR D 92 -36.33 -5.91 13.76
CA TYR D 92 -35.07 -6.46 14.23
C TYR D 92 -34.66 -5.78 15.52
N CYS D 93 -34.22 -6.57 16.50
CA CYS D 93 -33.49 -5.98 17.60
C CYS D 93 -32.00 -5.95 17.26
N MET D 94 -31.27 -5.07 17.93
CA MET D 94 -29.84 -4.95 17.71
C MET D 94 -29.18 -4.60 19.04
N GLN D 95 -28.29 -5.47 19.51
CA GLN D 95 -27.47 -5.15 20.66
C GLN D 95 -26.22 -4.40 20.21
N ALA D 96 -25.81 -3.42 21.00
CA ALA D 96 -24.69 -2.54 20.69
C ALA D 96 -23.71 -2.43 21.84
N LEU D 97 -23.58 -3.50 22.65
CA LEU D 97 -22.79 -3.39 23.87
C LEU D 97 -21.31 -3.25 23.57
N GLN D 98 -20.85 -3.86 22.46
CA GLN D 98 -19.47 -3.70 22.00
C GLN D 98 -19.45 -3.72 20.48
N THR D 99 -19.70 -4.89 19.88
CA THR D 99 -19.79 -5.06 18.44
C THR D 99 -21.22 -5.36 18.05
N PRO D 100 -21.86 -4.53 17.23
CA PRO D 100 -23.30 -4.67 16.99
C PRO D 100 -23.66 -6.02 16.39
N ALA D 101 -24.81 -6.54 16.80
CA ALA D 101 -25.34 -7.76 16.21
C ALA D 101 -26.87 -7.68 16.22
N PHE D 102 -27.48 -8.07 15.12
CA PHE D 102 -28.93 -8.05 14.98
C PHE D 102 -29.54 -9.38 15.41
N GLY D 103 -30.75 -9.32 15.94
CA GLY D 103 -31.54 -10.52 16.11
C GLY D 103 -32.04 -11.03 14.77
N GLY D 104 -32.72 -12.18 14.81
CA GLY D 104 -33.13 -12.82 13.57
C GLY D 104 -34.29 -12.16 12.85
N GLY D 105 -35.02 -11.28 13.53
CA GLY D 105 -36.14 -10.63 12.88
C GLY D 105 -37.47 -11.23 13.29
N THR D 106 -38.50 -10.38 13.28
CA THR D 106 -39.88 -10.81 13.49
C THR D 106 -40.71 -10.20 12.37
N LYS D 107 -41.38 -11.04 11.58
CA LYS D 107 -42.19 -10.55 10.48
C LYS D 107 -43.60 -10.28 11.00
N LEU D 108 -43.98 -9.01 11.02
CA LEU D 108 -45.32 -8.62 11.43
C LEU D 108 -46.19 -8.49 10.18
N GLU D 109 -47.34 -9.17 10.18
CA GLU D 109 -48.28 -9.16 9.06
C GLU D 109 -49.69 -8.91 9.59
N ILE D 110 -50.60 -8.57 8.69
CA ILE D 110 -51.98 -8.28 9.06
C ILE D 110 -52.78 -9.57 9.12
N LYS D 111 -53.46 -9.79 10.24
CA LYS D 111 -54.29 -10.98 10.41
C LYS D 111 -55.66 -10.74 9.80
N ARG D 112 -56.17 -11.73 9.06
CA ARG D 112 -57.51 -11.68 8.47
C ARG D 112 -58.10 -13.07 8.47
N THR D 113 -59.35 -13.17 7.98
CA THR D 113 -60.03 -14.46 7.94
C THR D 113 -59.36 -15.41 6.95
N VAL D 114 -59.53 -16.71 7.20
CA VAL D 114 -58.95 -17.73 6.35
C VAL D 114 -59.57 -17.64 4.96
N ALA D 115 -58.72 -17.63 3.93
CA ALA D 115 -59.17 -17.58 2.55
C ALA D 115 -58.46 -18.68 1.76
N ALA D 116 -59.25 -19.48 1.08
CA ALA D 116 -58.74 -20.56 0.24
C ALA D 116 -58.17 -20.00 -1.06
N PRO D 117 -57.13 -20.64 -1.59
CA PRO D 117 -56.54 -20.19 -2.86
C PRO D 117 -57.28 -20.74 -4.08
N SER D 118 -57.42 -19.89 -5.09
CA SER D 118 -57.86 -20.34 -6.42
C SER D 118 -56.66 -20.94 -7.14
N VAL D 119 -56.80 -22.17 -7.63
CA VAL D 119 -55.66 -22.90 -8.19
C VAL D 119 -55.79 -22.96 -9.71
N PHE D 120 -54.70 -22.62 -10.40
CA PHE D 120 -54.61 -22.69 -11.84
C PHE D 120 -53.32 -23.41 -12.24
N ILE D 121 -53.40 -24.20 -13.30
CA ILE D 121 -52.23 -24.91 -13.83
C ILE D 121 -52.01 -24.51 -15.28
N PHE D 122 -50.74 -24.39 -15.67
CA PHE D 122 -50.34 -23.88 -16.98
C PHE D 122 -49.37 -24.86 -17.63
N PRO D 123 -49.72 -25.51 -18.73
CA PRO D 123 -48.76 -26.35 -19.45
C PRO D 123 -47.67 -25.48 -20.08
N PRO D 124 -46.50 -26.07 -20.38
CA PRO D 124 -45.48 -25.31 -21.13
C PRO D 124 -45.92 -25.08 -22.56
N SER D 125 -45.69 -23.86 -23.04
CA SER D 125 -46.03 -23.55 -24.43
C SER D 125 -45.16 -24.35 -25.38
N ASP D 126 -45.69 -24.62 -26.57
CA ASP D 126 -44.89 -25.27 -27.61
C ASP D 126 -43.67 -24.45 -27.95
N GLU D 127 -43.79 -23.12 -27.84
CA GLU D 127 -42.64 -22.25 -28.06
C GLU D 127 -41.47 -22.61 -27.14
N GLN D 128 -41.74 -22.77 -25.85
CA GLN D 128 -40.66 -23.13 -24.94
C GLN D 128 -40.10 -24.52 -25.25
N LEU D 129 -40.97 -25.47 -25.58
CA LEU D 129 -40.51 -26.83 -25.89
C LEU D 129 -39.46 -26.83 -26.99
N LYS D 130 -39.61 -25.97 -28.00
CA LYS D 130 -38.62 -25.91 -29.08
C LYS D 130 -37.26 -25.41 -28.62
N SER D 131 -37.15 -24.84 -27.42
CA SER D 131 -35.87 -24.44 -26.87
C SER D 131 -35.19 -25.55 -26.07
N GLY D 132 -35.90 -26.64 -25.77
CA GLY D 132 -35.31 -27.78 -25.10
C GLY D 132 -35.70 -27.97 -23.65
N THR D 133 -36.49 -27.07 -23.07
CA THR D 133 -36.89 -27.14 -21.67
C THR D 133 -38.40 -26.93 -21.57
N ALA D 134 -39.01 -27.58 -20.58
CA ALA D 134 -40.44 -27.45 -20.28
C ALA D 134 -40.62 -26.93 -18.87
N SER D 135 -41.39 -25.85 -18.72
CA SER D 135 -41.76 -25.32 -17.41
C SER D 135 -43.26 -25.46 -17.22
N VAL D 136 -43.67 -26.08 -16.12
CA VAL D 136 -45.08 -26.16 -15.74
C VAL D 136 -45.29 -25.26 -14.54
N VAL D 137 -46.33 -24.43 -14.60
CA VAL D 137 -46.60 -23.42 -13.59
C VAL D 137 -47.93 -23.74 -12.91
N CYS D 138 -47.89 -23.80 -11.57
CA CYS D 138 -49.07 -23.97 -10.73
C CYS D 138 -49.25 -22.68 -9.94
N LEU D 139 -50.41 -22.05 -10.07
CA LEU D 139 -50.68 -20.76 -9.45
C LEU D 139 -51.70 -20.92 -8.34
N LEU D 140 -51.35 -20.41 -7.14
CA LEU D 140 -52.26 -20.33 -6.00
C LEU D 140 -52.53 -18.85 -5.78
N ASN D 141 -53.78 -18.44 -5.99
CA ASN D 141 -54.12 -17.03 -6.06
C ASN D 141 -54.92 -16.59 -4.83
N ASN D 142 -54.46 -15.51 -4.19
CA ASN D 142 -55.22 -14.80 -3.17
C ASN D 142 -55.69 -15.70 -2.02
N PHE D 143 -54.78 -16.04 -1.10
CA PHE D 143 -55.12 -16.93 0.01
C PHE D 143 -54.51 -16.42 1.30
N TYR D 144 -55.03 -16.93 2.43
CA TYR D 144 -54.52 -16.61 3.75
C TYR D 144 -54.89 -17.76 4.68
N PRO D 145 -53.97 -18.21 5.55
CA PRO D 145 -52.60 -17.73 5.75
C PRO D 145 -51.61 -18.12 4.65
N ARG D 146 -50.38 -17.62 4.80
CA ARG D 146 -49.32 -17.85 3.82
C ARG D 146 -48.94 -19.32 3.69
N GLU D 147 -49.09 -20.09 4.77
CA GLU D 147 -48.66 -21.49 4.76
C GLU D 147 -49.48 -22.29 3.75
N ALA D 148 -48.80 -22.92 2.79
CA ALA D 148 -49.44 -23.78 1.81
C ALA D 148 -48.42 -24.79 1.33
N LYS D 149 -48.91 -25.93 0.83
CA LYS D 149 -48.05 -26.99 0.34
C LYS D 149 -48.48 -27.36 -1.07
N VAL D 150 -47.51 -27.40 -1.99
CA VAL D 150 -47.76 -27.72 -3.39
C VAL D 150 -46.82 -28.86 -3.77
N GLN D 151 -47.39 -30.00 -4.15
CA GLN D 151 -46.63 -31.16 -4.58
C GLN D 151 -46.91 -31.45 -6.05
N TRP D 152 -45.86 -31.81 -6.77
CA TRP D 152 -45.95 -32.14 -8.19
C TRP D 152 -45.94 -33.65 -8.37
N LYS D 153 -46.85 -34.16 -9.19
CA LYS D 153 -46.90 -35.57 -9.54
C LYS D 153 -47.05 -35.68 -11.05
N VAL D 154 -46.15 -36.43 -11.68
CA VAL D 154 -46.25 -36.76 -13.10
C VAL D 154 -46.47 -38.26 -13.23
N ASP D 155 -47.54 -38.64 -13.94
CA ASP D 155 -48.01 -40.02 -13.97
C ASP D 155 -48.12 -40.59 -12.55
N ASN D 156 -48.69 -39.78 -11.65
CA ASN D 156 -48.95 -40.16 -10.27
C ASN D 156 -47.68 -40.47 -9.49
N ALA D 157 -46.53 -39.96 -9.93
CA ALA D 157 -45.26 -40.14 -9.25
C ALA D 157 -44.76 -38.78 -8.76
N LEU D 158 -44.47 -38.70 -7.47
CA LEU D 158 -44.04 -37.43 -6.88
C LEU D 158 -42.76 -36.94 -7.52
N GLN D 159 -42.71 -35.64 -7.82
CA GLN D 159 -41.50 -34.98 -8.28
C GLN D 159 -40.86 -34.23 -7.13
N SER D 160 -39.55 -34.43 -6.95
CA SER D 160 -38.78 -33.72 -5.93
C SER D 160 -37.46 -33.24 -6.53
N GLY D 161 -37.02 -32.07 -6.07
CA GLY D 161 -35.74 -31.52 -6.48
C GLY D 161 -35.76 -30.74 -7.79
N ASN D 162 -36.90 -30.68 -8.48
CA ASN D 162 -36.97 -30.01 -9.77
C ASN D 162 -38.06 -28.93 -9.79
N SER D 163 -38.40 -28.37 -8.64
CA SER D 163 -39.37 -27.28 -8.60
C SER D 163 -38.88 -26.18 -7.66
N GLN D 164 -39.33 -24.96 -7.96
CA GLN D 164 -39.07 -23.79 -7.13
C GLN D 164 -40.36 -23.00 -6.99
N GLU D 165 -40.57 -22.39 -5.82
CA GLU D 165 -41.77 -21.60 -5.62
C GLU D 165 -41.38 -20.20 -5.17
N SER D 166 -42.32 -19.27 -5.35
CA SER D 166 -42.13 -17.93 -4.82
C SER D 166 -43.50 -17.37 -4.45
N VAL D 167 -43.49 -16.49 -3.46
CA VAL D 167 -44.69 -15.92 -2.86
C VAL D 167 -44.62 -14.41 -3.02
N THR D 168 -45.79 -13.80 -3.21
CA THR D 168 -45.86 -12.34 -3.18
C THR D 168 -45.76 -11.84 -1.75
N GLU D 169 -45.54 -10.54 -1.61
CA GLU D 169 -45.74 -9.88 -0.33
C GLU D 169 -47.24 -9.75 -0.07
N GLN D 170 -47.60 -9.57 1.20
CA GLN D 170 -49.00 -9.48 1.57
C GLN D 170 -49.65 -8.26 0.92
N ASP D 171 -50.76 -8.48 0.23
CA ASP D 171 -51.50 -7.40 -0.39
C ASP D 171 -52.00 -6.41 0.67
N SER D 172 -51.80 -5.12 0.42
CA SER D 172 -52.18 -4.11 1.39
C SER D 172 -53.68 -3.79 1.37
N LYS D 173 -54.44 -4.39 0.47
CA LYS D 173 -55.88 -4.16 0.39
C LYS D 173 -56.70 -5.32 0.93
N ASP D 174 -56.41 -6.56 0.53
CA ASP D 174 -57.16 -7.72 0.98
C ASP D 174 -56.35 -8.63 1.89
N SER D 175 -55.09 -8.30 2.18
CA SER D 175 -54.26 -9.03 3.14
C SER D 175 -54.02 -10.49 2.74
N THR D 176 -54.09 -10.77 1.44
CA THR D 176 -53.89 -12.12 0.92
C THR D 176 -52.51 -12.26 0.31
N TYR D 177 -52.15 -13.53 0.07
CA TYR D 177 -50.90 -13.90 -0.58
C TYR D 177 -51.23 -14.65 -1.87
N SER D 178 -50.29 -14.60 -2.81
CA SER D 178 -50.32 -15.46 -3.99
C SER D 178 -49.00 -16.21 -4.10
N LEU D 179 -49.05 -17.40 -4.67
CA LEU D 179 -47.88 -18.27 -4.76
C LEU D 179 -47.85 -18.89 -6.15
N SER D 180 -46.64 -19.04 -6.70
CA SER D 180 -46.43 -19.80 -7.92
C SER D 180 -45.43 -20.90 -7.63
N SER D 181 -45.65 -22.07 -8.22
CA SER D 181 -44.70 -23.16 -8.17
C SER D 181 -44.37 -23.57 -9.60
N THR D 182 -43.09 -23.71 -9.90
CA THR D 182 -42.64 -23.95 -11.27
C THR D 182 -41.81 -25.23 -11.32
N LEU D 183 -42.29 -26.21 -12.09
CA LEU D 183 -41.60 -27.47 -12.32
C LEU D 183 -40.81 -27.38 -13.62
N THR D 184 -39.52 -27.69 -13.56
CA THR D 184 -38.66 -27.62 -14.74
C THR D 184 -38.17 -29.01 -15.11
N LEU D 185 -38.39 -29.38 -16.37
CA LEU D 185 -37.96 -30.67 -16.91
C LEU D 185 -37.33 -30.45 -18.28
N SER D 186 -36.43 -31.36 -18.64
CA SER D 186 -35.91 -31.36 -20.00
C SER D 186 -37.03 -31.72 -20.97
N LYS D 187 -36.83 -31.33 -22.23
CA LYS D 187 -37.81 -31.68 -23.26
C LYS D 187 -38.01 -33.19 -23.35
N ALA D 188 -36.92 -33.95 -23.33
CA ALA D 188 -37.04 -35.41 -23.44
C ALA D 188 -37.78 -36.00 -22.25
N ASP D 189 -37.51 -35.48 -21.04
CA ASP D 189 -38.20 -35.98 -19.87
C ASP D 189 -39.68 -35.61 -19.88
N TYR D 190 -40.00 -34.39 -20.32
CA TYR D 190 -41.40 -33.96 -20.37
C TYR D 190 -42.22 -34.83 -21.32
N GLU D 191 -41.68 -35.15 -22.49
CA GLU D 191 -42.41 -35.93 -23.47
C GLU D 191 -42.43 -37.43 -23.17
N LYS D 192 -41.83 -37.85 -22.06
CA LYS D 192 -41.87 -39.24 -21.63
C LYS D 192 -43.01 -39.53 -20.67
N HIS D 193 -43.90 -38.57 -20.40
CA HIS D 193 -44.99 -38.75 -19.46
C HIS D 193 -46.25 -38.10 -20.01
N LYS D 194 -47.38 -38.40 -19.35
CA LYS D 194 -48.68 -37.96 -19.82
C LYS D 194 -49.39 -37.04 -18.84
N VAL D 195 -49.58 -37.47 -17.60
CA VAL D 195 -50.40 -36.74 -16.64
C VAL D 195 -49.52 -35.85 -15.78
N TYR D 196 -49.85 -34.56 -15.71
CA TYR D 196 -49.12 -33.58 -14.92
C TYR D 196 -50.12 -32.91 -13.98
N ALA D 197 -49.82 -32.96 -12.68
CA ALA D 197 -50.74 -32.39 -11.70
C ALA D 197 -49.96 -31.74 -10.57
N CYS D 198 -50.50 -30.62 -10.07
CA CYS D 198 -50.03 -30.06 -8.81
C CYS D 198 -51.13 -30.25 -7.76
N GLU D 199 -50.73 -30.66 -6.57
CA GLU D 199 -51.65 -30.93 -5.47
C GLU D 199 -51.44 -29.86 -4.40
N VAL D 200 -52.51 -29.16 -4.06
CA VAL D 200 -52.43 -27.99 -3.18
C VAL D 200 -53.12 -28.33 -1.86
N THR D 201 -52.36 -28.26 -0.78
CA THR D 201 -52.90 -28.39 0.58
C THR D 201 -52.88 -27.01 1.23
N HIS D 202 -54.00 -26.64 1.84
CA HIS D 202 -54.12 -25.35 2.51
C HIS D 202 -55.15 -25.45 3.62
N GLN D 203 -55.02 -24.56 4.61
CA GLN D 203 -55.91 -24.58 5.76
C GLN D 203 -57.37 -24.33 5.35
N GLY D 204 -57.60 -23.44 4.39
CA GLY D 204 -58.94 -23.13 3.94
C GLY D 204 -59.58 -24.15 3.04
N LEU D 205 -58.89 -25.23 2.69
CA LEU D 205 -59.41 -26.26 1.82
C LEU D 205 -59.74 -27.50 2.64
N SER D 206 -60.92 -28.09 2.39
CA SER D 206 -61.35 -29.26 3.14
C SER D 206 -60.48 -30.47 2.83
N SER D 207 -60.12 -30.64 1.56
CA SER D 207 -59.27 -31.72 1.11
C SER D 207 -58.29 -31.17 0.10
N PRO D 208 -57.18 -31.85 -0.16
CA PRO D 208 -56.22 -31.37 -1.16
C PRO D 208 -56.86 -31.22 -2.53
N VAL D 209 -56.68 -30.04 -3.12
CA VAL D 209 -57.20 -29.73 -4.44
C VAL D 209 -56.17 -30.09 -5.48
N THR D 210 -56.60 -30.74 -6.56
CA THR D 210 -55.72 -31.17 -7.63
C THR D 210 -56.15 -30.50 -8.93
N LYS D 211 -55.19 -29.88 -9.62
CA LYS D 211 -55.38 -29.39 -10.98
C LYS D 211 -54.39 -30.12 -11.87
N SER D 212 -54.88 -30.68 -12.97
CA SER D 212 -54.07 -31.54 -13.81
C SER D 212 -54.37 -31.26 -15.28
N PHE D 213 -53.50 -31.79 -16.13
CA PHE D 213 -53.71 -31.78 -17.58
C PHE D 213 -52.93 -32.94 -18.17
N ASN D 214 -53.38 -33.39 -19.34
CA ASN D 214 -52.67 -34.40 -20.11
C ASN D 214 -51.95 -33.71 -21.26
N ARG D 215 -50.68 -34.07 -21.46
CA ARG D 215 -49.88 -33.46 -22.51
C ARG D 215 -50.52 -33.70 -23.87
N GLY D 216 -51.14 -32.65 -24.44
CA GLY D 216 -51.83 -32.75 -25.71
C GLY D 216 -53.01 -31.80 -25.84
N GLN E 1 31.06 -16.94 -9.60
CA GLN E 1 30.65 -17.34 -8.26
C GLN E 1 29.37 -16.62 -7.84
N VAL E 2 29.09 -15.49 -8.50
CA VAL E 2 27.85 -14.77 -8.32
C VAL E 2 27.27 -14.47 -9.70
N GLN E 3 26.01 -14.81 -9.90
CA GLN E 3 25.31 -14.56 -11.16
C GLN E 3 24.10 -13.68 -10.88
N LEU E 4 23.95 -12.60 -11.66
CA LEU E 4 22.81 -11.70 -11.60
C LEU E 4 22.07 -11.78 -12.93
N VAL E 5 20.79 -12.20 -12.87
CA VAL E 5 19.95 -12.38 -14.05
C VAL E 5 18.75 -11.46 -13.92
N GLN E 6 18.58 -10.54 -14.88
CA GLN E 6 17.53 -9.54 -14.82
C GLN E 6 16.33 -9.97 -15.67
N SER E 7 15.19 -9.31 -15.43
CA SER E 7 13.98 -9.57 -16.20
C SER E 7 14.11 -8.93 -17.60
N GLY E 8 13.14 -9.23 -18.47
CA GLY E 8 13.24 -8.91 -19.88
C GLY E 8 12.87 -7.47 -20.21
N ALA E 9 13.06 -7.12 -21.49
CA ALA E 9 12.83 -5.76 -21.94
C ALA E 9 11.35 -5.40 -21.82
N GLU E 10 11.09 -4.11 -21.60
CA GLU E 10 9.74 -3.63 -21.32
C GLU E 10 9.48 -2.37 -22.13
N VAL E 11 8.25 -2.24 -22.62
CA VAL E 11 7.76 -1.02 -23.24
C VAL E 11 6.67 -0.46 -22.35
N LYS E 12 6.81 0.79 -21.93
CA LYS E 12 5.87 1.41 -21.01
C LYS E 12 5.33 2.70 -21.61
N LYS E 13 4.10 3.05 -21.23
CA LYS E 13 3.55 4.32 -21.65
C LYS E 13 3.98 5.43 -20.68
N PRO E 14 4.10 6.67 -21.16
CA PRO E 14 4.44 7.76 -20.26
C PRO E 14 3.39 7.91 -19.17
N GLY E 15 3.85 8.10 -17.93
CA GLY E 15 2.99 8.23 -16.78
C GLY E 15 2.82 6.95 -15.98
N SER E 16 3.14 5.81 -16.57
CA SER E 16 3.00 4.54 -15.90
C SER E 16 4.23 4.26 -15.05
N SER E 17 4.31 3.07 -14.47
CA SER E 17 5.45 2.67 -13.67
C SER E 17 5.95 1.33 -14.16
N VAL E 18 7.24 1.08 -13.90
CA VAL E 18 7.85 -0.18 -14.29
C VAL E 18 8.52 -0.79 -13.06
N LYS E 19 8.56 -2.11 -13.04
CA LYS E 19 9.26 -2.86 -12.00
C LYS E 19 10.18 -3.86 -12.68
N VAL E 20 11.48 -3.75 -12.41
CA VAL E 20 12.49 -4.63 -12.97
C VAL E 20 13.03 -5.49 -11.85
N SER E 21 13.35 -6.74 -12.15
CA SER E 21 13.84 -7.67 -11.14
C SER E 21 15.25 -8.13 -11.48
N CYS E 22 15.94 -8.62 -10.46
CA CYS E 22 17.31 -9.10 -10.58
C CYS E 22 17.47 -10.26 -9.59
N LYS E 23 17.58 -11.47 -10.12
CA LYS E 23 17.73 -12.66 -9.30
C LYS E 23 19.21 -13.03 -9.20
N ALA E 24 19.70 -13.15 -7.97
CA ALA E 24 21.08 -13.49 -7.70
C ALA E 24 21.20 -14.96 -7.31
N SER E 25 22.30 -15.58 -7.73
CA SER E 25 22.69 -16.90 -7.27
C SER E 25 24.14 -16.85 -6.81
N GLY E 26 24.46 -17.64 -5.80
CA GLY E 26 25.80 -17.67 -5.22
C GLY E 26 25.94 -16.85 -3.96
N GLY E 27 26.45 -17.45 -2.89
CA GLY E 27 26.64 -16.71 -1.65
C GLY E 27 25.33 -16.44 -0.90
N THR E 28 25.47 -15.66 0.17
CA THR E 28 24.34 -15.26 1.01
C THR E 28 23.79 -13.93 0.48
N PHE E 29 22.60 -14.00 -0.13
CA PHE E 29 22.01 -12.83 -0.80
C PHE E 29 21.80 -11.68 0.16
N SER E 30 21.30 -11.95 1.37
CA SER E 30 20.90 -10.87 2.26
C SER E 30 22.08 -10.05 2.78
N ILE E 31 23.31 -10.55 2.63
CA ILE E 31 24.47 -9.95 3.28
C ILE E 31 25.09 -8.81 2.47
N TYR E 32 24.84 -8.73 1.17
CA TYR E 32 25.59 -7.84 0.30
C TYR E 32 24.72 -6.71 -0.24
N ALA E 33 25.38 -5.59 -0.53
CA ALA E 33 24.69 -4.41 -1.05
C ALA E 33 24.47 -4.58 -2.55
N ILE E 34 23.24 -4.36 -3.00
CA ILE E 34 22.88 -4.44 -4.41
C ILE E 34 22.43 -3.05 -4.86
N SER E 35 22.93 -2.59 -6.00
CA SER E 35 22.58 -1.28 -6.54
C SER E 35 21.90 -1.43 -7.90
N TRP E 36 21.20 -0.37 -8.28
CA TRP E 36 20.68 -0.21 -9.63
C TRP E 36 21.36 0.97 -10.28
N VAL E 37 21.75 0.79 -11.54
CA VAL E 37 22.50 1.77 -12.32
C VAL E 37 21.84 1.82 -13.70
N ARG E 38 21.65 3.02 -14.25
CA ARG E 38 21.02 3.10 -15.55
C ARG E 38 21.89 3.85 -16.56
N GLN E 39 21.55 3.65 -17.83
CA GLN E 39 22.34 4.19 -18.93
C GLN E 39 21.38 4.52 -20.07
N ALA E 40 21.12 5.82 -20.28
CA ALA E 40 20.35 6.24 -21.44
C ALA E 40 21.17 5.96 -22.69
N PRO E 41 20.51 5.80 -23.84
CA PRO E 41 21.23 5.41 -25.07
C PRO E 41 22.31 6.42 -25.43
N GLY E 42 23.51 5.91 -25.74
CA GLY E 42 24.63 6.78 -26.05
C GLY E 42 25.20 7.57 -24.89
N GLN E 43 24.68 7.41 -23.67
CA GLN E 43 25.12 8.23 -22.53
C GLN E 43 25.91 7.39 -21.53
N GLY E 44 26.28 8.03 -20.40
CA GLY E 44 27.09 7.38 -19.40
C GLY E 44 26.26 6.69 -18.31
N LEU E 45 26.97 6.10 -17.36
CA LEU E 45 26.34 5.36 -16.27
C LEU E 45 25.83 6.31 -15.20
N GLU E 46 24.74 5.90 -14.53
CA GLU E 46 24.12 6.73 -13.51
C GLU E 46 23.58 5.86 -12.38
N TRP E 47 24.10 6.05 -11.18
CA TRP E 47 23.66 5.28 -10.02
C TRP E 47 22.32 5.80 -9.54
N MET E 48 21.38 4.89 -9.28
CA MET E 48 20.03 5.27 -8.88
C MET E 48 19.77 5.04 -7.39
N GLY E 49 20.27 3.96 -6.84
CA GLY E 49 20.02 3.63 -5.46
C GLY E 49 20.53 2.23 -5.17
N GLY E 50 20.43 1.84 -3.89
CA GLY E 50 20.92 0.54 -3.49
C GLY E 50 20.25 0.10 -2.20
N ILE E 51 20.43 -1.17 -1.89
CA ILE E 51 19.87 -1.75 -0.67
C ILE E 51 20.76 -2.90 -0.23
N ILE E 52 20.83 -3.10 1.07
CA ILE E 52 21.33 -4.32 1.68
C ILE E 52 20.14 -5.05 2.28
N PRO E 53 19.77 -6.23 1.77
CA PRO E 53 18.50 -6.83 2.19
C PRO E 53 18.35 -7.00 3.69
N ILE E 54 19.40 -7.45 4.39
CA ILE E 54 19.28 -7.71 5.82
C ILE E 54 19.05 -6.42 6.63
N PHE E 55 19.36 -5.26 6.05
CA PHE E 55 18.97 -4.00 6.67
C PHE E 55 17.57 -3.58 6.24
N GLY E 56 17.24 -3.73 4.97
CA GLY E 56 15.92 -3.41 4.47
C GLY E 56 15.70 -1.96 4.11
N THR E 57 16.66 -1.10 4.36
CA THR E 57 16.51 0.34 4.12
C THR E 57 17.28 0.70 2.87
N ALA E 58 16.56 1.16 1.85
CA ALA E 58 17.21 1.55 0.61
C ALA E 58 17.60 3.01 0.69
N ASN E 59 18.64 3.37 -0.06
CA ASN E 59 18.97 4.78 -0.27
C ASN E 59 19.01 5.06 -1.76
N TYR E 60 18.81 6.33 -2.09
CA TYR E 60 18.58 6.75 -3.47
C TYR E 60 19.36 8.03 -3.74
N ALA E 61 19.79 8.18 -4.99
CA ALA E 61 20.24 9.48 -5.46
C ALA E 61 19.11 10.49 -5.34
N GLN E 62 19.48 11.74 -5.02
CA GLN E 62 18.48 12.81 -4.86
C GLN E 62 17.70 13.05 -6.14
N LYS E 63 18.29 12.77 -7.31
CA LYS E 63 17.55 12.90 -8.56
C LYS E 63 16.37 11.94 -8.64
N PHE E 64 16.41 10.84 -7.90
CA PHE E 64 15.41 9.79 -8.01
C PHE E 64 14.55 9.64 -6.76
N GLN E 65 14.77 10.45 -5.73
CA GLN E 65 13.95 10.38 -4.53
C GLN E 65 12.50 10.71 -4.87
N GLY E 66 11.59 9.85 -4.42
CA GLY E 66 10.18 10.03 -4.66
C GLY E 66 9.64 9.26 -5.85
N ARG E 67 10.51 8.80 -6.77
CA ARG E 67 10.07 8.04 -7.92
C ARG E 67 10.59 6.61 -7.96
N VAL E 68 11.66 6.30 -7.23
CA VAL E 68 12.28 4.98 -7.26
C VAL E 68 12.01 4.29 -5.92
N THR E 69 11.63 3.02 -6.00
CA THR E 69 11.50 2.16 -4.82
C THR E 69 12.31 0.91 -5.09
N ILE E 70 13.26 0.62 -4.21
CA ILE E 70 14.13 -0.53 -4.34
C ILE E 70 13.86 -1.45 -3.17
N THR E 71 13.57 -2.72 -3.46
CA THR E 71 13.19 -3.71 -2.46
C THR E 71 13.95 -5.00 -2.72
N ALA E 72 13.94 -5.88 -1.74
CA ALA E 72 14.61 -7.16 -1.86
C ALA E 72 13.79 -8.25 -1.18
N ASP E 73 13.72 -9.41 -1.82
CA ASP E 73 12.98 -10.57 -1.28
C ASP E 73 13.96 -11.71 -1.07
N LYS E 74 14.28 -11.98 0.21
CA LYS E 74 15.24 -13.03 0.53
C LYS E 74 14.69 -14.42 0.24
N SER E 75 13.37 -14.59 0.16
CA SER E 75 12.85 -15.92 -0.14
C SER E 75 13.20 -16.36 -1.56
N THR E 76 13.44 -15.42 -2.48
CA THR E 76 13.81 -15.76 -3.84
C THR E 76 15.14 -15.14 -4.29
N SER E 77 15.89 -14.51 -3.37
CA SER E 77 17.14 -13.82 -3.69
C SER E 77 16.99 -12.84 -4.86
N THR E 78 15.89 -12.07 -4.85
CA THR E 78 15.60 -11.15 -5.93
C THR E 78 15.51 -9.72 -5.41
N ALA E 79 16.22 -8.82 -6.08
CA ALA E 79 16.10 -7.38 -5.86
C ALA E 79 15.16 -6.79 -6.91
N TYR E 80 14.46 -5.72 -6.53
CA TYR E 80 13.53 -5.06 -7.42
C TYR E 80 13.81 -3.57 -7.45
N MET E 81 13.64 -2.98 -8.63
CA MET E 81 13.57 -1.53 -8.75
C MET E 81 12.25 -1.17 -9.42
N GLU E 82 11.47 -0.30 -8.78
CA GLU E 82 10.25 0.22 -9.37
C GLU E 82 10.43 1.71 -9.62
N LEU E 83 10.13 2.16 -10.84
CA LEU E 83 10.25 3.56 -11.21
C LEU E 83 8.88 4.03 -11.70
N SER E 84 8.34 5.04 -11.05
CA SER E 84 6.97 5.51 -11.31
C SER E 84 6.97 6.81 -12.09
N SER E 85 5.79 7.15 -12.60
CA SER E 85 5.55 8.31 -13.47
C SER E 85 6.64 8.46 -14.53
N LEU E 86 6.80 7.41 -15.33
CA LEU E 86 7.84 7.35 -16.34
C LEU E 86 7.72 8.50 -17.35
N ARG E 87 8.87 9.00 -17.79
CA ARG E 87 8.99 9.98 -18.85
C ARG E 87 9.88 9.42 -19.96
N SER E 88 9.85 10.08 -21.11
CA SER E 88 10.68 9.64 -22.23
C SER E 88 12.16 9.67 -21.88
N GLU E 89 12.57 10.58 -20.98
CA GLU E 89 13.94 10.63 -20.50
C GLU E 89 14.32 9.40 -19.68
N ASP E 90 13.34 8.61 -19.25
CA ASP E 90 13.62 7.39 -18.50
C ASP E 90 13.94 6.20 -19.41
N THR E 91 13.85 6.37 -20.72
CA THR E 91 14.29 5.32 -21.63
C THR E 91 15.77 5.05 -21.43
N ALA E 92 16.09 3.81 -21.05
CA ALA E 92 17.45 3.48 -20.64
C ALA E 92 17.58 1.97 -20.51
N VAL E 93 18.82 1.51 -20.47
CA VAL E 93 19.17 0.18 -19.98
C VAL E 93 19.39 0.29 -18.47
N TYR E 94 18.68 -0.52 -17.71
CA TYR E 94 18.78 -0.57 -16.26
C TYR E 94 19.58 -1.82 -15.88
N TYR E 95 20.64 -1.63 -15.10
CA TYR E 95 21.49 -2.71 -14.62
C TYR E 95 21.34 -2.84 -13.11
N CYS E 96 21.30 -4.07 -12.61
CA CYS E 96 21.60 -4.31 -11.21
C CYS E 96 23.07 -4.66 -11.09
N ALA E 97 23.68 -4.26 -9.97
CA ALA E 97 25.10 -4.46 -9.71
C ALA E 97 25.31 -4.73 -8.23
N ARG E 98 26.15 -5.70 -7.90
CA ARG E 98 26.41 -6.09 -6.53
C ARG E 98 27.88 -5.89 -6.17
N GLU E 99 28.11 -5.52 -4.91
CA GLU E 99 29.46 -5.41 -4.35
C GLU E 99 30.18 -6.74 -4.49
N GLY E 100 31.52 -6.65 -4.57
CA GLY E 100 32.33 -7.86 -4.64
C GLY E 100 32.22 -8.72 -3.40
N GLY E 101 32.01 -8.09 -2.24
CA GLY E 101 31.79 -8.81 -1.00
C GLY E 101 33.03 -9.18 -0.22
N HIS E 102 34.20 -8.64 -0.57
CA HIS E 102 35.44 -8.94 0.13
C HIS E 102 36.00 -7.76 0.89
N GLN E 103 35.37 -6.59 0.85
CA GLN E 103 35.72 -5.51 1.76
C GLN E 103 35.45 -5.95 3.20
N GLY E 104 36.40 -5.69 4.09
CA GLY E 104 36.26 -6.15 5.47
C GLY E 104 35.02 -5.59 6.14
N TYR E 105 34.70 -4.33 5.88
CA TYR E 105 33.48 -3.72 6.37
C TYR E 105 33.06 -2.66 5.36
N CYS E 106 31.83 -2.19 5.51
CA CYS E 106 31.24 -1.26 4.56
C CYS E 106 31.12 0.10 5.23
N SER E 107 32.01 1.02 4.85
CA SER E 107 32.06 2.35 5.45
C SER E 107 30.79 3.12 5.12
N GLY E 108 30.21 3.74 6.14
CA GLY E 108 28.99 4.49 5.98
C GLY E 108 27.76 3.67 5.70
N GLY E 109 27.88 2.34 5.60
CA GLY E 109 26.72 1.51 5.45
C GLY E 109 26.72 0.55 4.28
N SER E 110 27.32 0.94 3.16
CA SER E 110 27.19 0.20 1.91
C SER E 110 28.50 0.18 1.15
N CYS E 111 28.72 -0.91 0.44
CA CYS E 111 29.90 -1.11 -0.38
C CYS E 111 29.50 -0.95 -1.84
N TYR E 112 30.36 -0.31 -2.65
CA TYR E 112 30.00 -0.02 -4.04
C TYR E 112 31.05 -0.49 -5.04
N ASP E 113 31.90 -1.46 -4.67
CA ASP E 113 32.84 -2.05 -5.62
C ASP E 113 32.06 -3.05 -6.48
N PHE E 114 31.56 -2.57 -7.62
CA PHE E 114 30.60 -3.34 -8.42
C PHE E 114 31.32 -4.40 -9.24
N ASP E 115 31.62 -5.52 -8.59
CA ASP E 115 32.29 -6.61 -9.28
C ASP E 115 31.33 -7.45 -10.13
N TYR E 116 30.02 -7.37 -9.88
CA TYR E 116 29.04 -8.25 -10.51
C TYR E 116 27.91 -7.42 -11.09
N TRP E 117 27.64 -7.60 -12.38
CA TRP E 117 26.60 -6.85 -13.08
C TRP E 117 25.62 -7.81 -13.75
N GLY E 118 24.35 -7.44 -13.73
CA GLY E 118 23.38 -8.14 -14.55
C GLY E 118 23.60 -7.83 -16.02
N GLN E 119 22.81 -8.49 -16.87
CA GLN E 119 22.95 -8.28 -18.31
C GLN E 119 22.20 -7.03 -18.78
N GLY E 120 21.47 -6.37 -17.91
CA GLY E 120 20.77 -5.14 -18.27
C GLY E 120 19.35 -5.41 -18.75
N THR E 121 18.48 -4.42 -18.52
CA THR E 121 17.08 -4.47 -18.90
C THR E 121 16.76 -3.20 -19.66
N LEU E 122 16.36 -3.32 -20.92
CA LEU E 122 15.94 -2.15 -21.70
C LEU E 122 14.51 -1.78 -21.33
N VAL E 123 14.32 -0.55 -20.86
CA VAL E 123 12.98 0.00 -20.62
C VAL E 123 12.79 1.14 -21.61
N THR E 124 11.81 0.98 -22.50
CA THR E 124 11.48 2.00 -23.50
C THR E 124 10.19 2.68 -23.08
N VAL E 125 10.26 3.98 -22.84
CA VAL E 125 9.10 4.78 -22.43
C VAL E 125 8.62 5.56 -23.64
N SER E 126 7.40 5.29 -24.09
CA SER E 126 6.92 5.89 -25.33
C SER E 126 5.42 5.67 -25.44
N SER E 127 4.75 6.59 -26.11
CA SER E 127 3.35 6.41 -26.43
C SER E 127 3.13 5.66 -27.74
N ALA E 128 4.20 5.34 -28.47
CA ALA E 128 4.05 4.71 -29.77
C ALA E 128 3.63 3.25 -29.63
N SER E 129 2.99 2.74 -30.68
CA SER E 129 2.58 1.34 -30.74
C SER E 129 3.61 0.54 -31.53
N THR E 130 3.71 -0.75 -31.20
CA THR E 130 4.58 -1.63 -31.95
C THR E 130 4.27 -1.53 -33.43
N LYS E 131 5.32 -1.49 -34.25
CA LYS E 131 5.18 -1.28 -35.69
C LYS E 131 6.43 -1.76 -36.39
N GLY E 132 6.25 -2.56 -37.45
CA GLY E 132 7.37 -3.00 -38.24
C GLY E 132 7.84 -1.90 -39.17
N PRO E 133 9.07 -2.02 -39.68
CA PRO E 133 9.63 -0.95 -40.52
C PRO E 133 9.14 -1.04 -41.96
N SER E 134 9.18 0.10 -42.63
CA SER E 134 9.16 0.15 -44.10
C SER E 134 10.60 0.10 -44.57
N VAL E 135 10.85 -0.67 -45.62
CA VAL E 135 12.21 -0.87 -46.12
C VAL E 135 12.29 -0.26 -47.51
N PHE E 136 13.05 0.82 -47.62
CA PHE E 136 13.22 1.51 -48.88
C PHE E 136 14.61 1.29 -49.44
N PRO E 137 14.76 1.18 -50.76
CA PRO E 137 16.10 0.95 -51.32
C PRO E 137 16.92 2.23 -51.35
N LEU E 138 18.22 2.08 -51.16
CA LEU E 138 19.21 3.12 -51.42
C LEU E 138 19.96 2.63 -52.65
N ALA E 139 19.48 3.00 -53.83
CA ALA E 139 19.92 2.37 -55.05
C ALA E 139 21.31 2.90 -55.45
N PRO E 140 22.19 2.03 -55.96
CA PRO E 140 23.50 2.51 -56.42
C PRO E 140 23.32 3.50 -57.56
N SER E 141 24.03 4.62 -57.47
CA SER E 141 23.78 5.71 -58.39
C SER E 141 24.34 5.39 -59.78
N SER E 142 23.93 6.20 -60.76
CA SER E 142 24.33 5.95 -62.14
C SER E 142 25.78 6.28 -62.40
N LYS E 143 26.35 7.27 -61.70
CA LYS E 143 27.73 7.69 -61.93
C LYS E 143 28.72 6.57 -61.57
N GLY E 148 35.62 2.13 -59.26
CA GLY E 148 35.25 0.76 -59.54
C GLY E 148 34.39 0.12 -58.47
N THR E 149 34.04 0.87 -57.43
CA THR E 149 33.20 0.37 -56.35
C THR E 149 31.98 1.26 -56.20
N ALA E 150 30.82 0.64 -55.99
CA ALA E 150 29.58 1.36 -55.79
C ALA E 150 29.06 1.11 -54.38
N ALA E 151 28.25 2.04 -53.89
CA ALA E 151 27.56 1.88 -52.62
C ALA E 151 26.07 1.75 -52.86
N LEU E 152 25.42 0.85 -52.13
CA LEU E 152 23.98 0.68 -52.16
C LEU E 152 23.53 0.36 -50.75
N GLY E 153 22.23 0.38 -50.52
CA GLY E 153 21.78 0.10 -49.16
C GLY E 153 20.27 -0.03 -49.05
N CYS E 154 19.84 -0.14 -47.79
CA CYS E 154 18.44 -0.22 -47.39
C CYS E 154 18.18 0.79 -46.29
N LEU E 155 17.12 1.56 -46.43
CA LEU E 155 16.67 2.47 -45.39
C LEU E 155 15.55 1.79 -44.64
N VAL E 156 15.76 1.50 -43.36
CA VAL E 156 14.82 0.77 -42.52
C VAL E 156 14.16 1.80 -41.62
N LYS E 157 12.96 2.22 -41.99
CA LYS E 157 12.38 3.44 -41.44
C LYS E 157 11.14 3.15 -40.62
N ASP E 158 10.99 3.90 -39.52
CA ASP E 158 9.72 4.07 -38.82
C ASP E 158 9.24 2.79 -38.14
N TYR E 159 10.11 2.19 -37.32
CA TYR E 159 9.72 1.00 -36.57
C TYR E 159 9.75 1.30 -35.07
N PHE E 160 9.11 0.41 -34.29
CA PHE E 160 9.07 0.58 -32.83
C PHE E 160 8.68 -0.74 -32.19
N PRO E 161 9.32 -1.15 -31.09
CA PRO E 161 10.53 -0.52 -30.54
C PRO E 161 11.78 -1.14 -31.14
N GLU E 162 12.93 -0.76 -30.59
CA GLU E 162 14.18 -1.46 -30.84
C GLU E 162 14.07 -2.92 -30.40
N PRO E 163 14.89 -3.82 -30.99
CA PRO E 163 15.84 -3.58 -32.05
C PRO E 163 15.41 -4.19 -33.39
N VAL E 164 16.08 -3.83 -34.49
CA VAL E 164 16.02 -4.58 -35.73
C VAL E 164 17.41 -5.12 -36.03
N THR E 165 17.45 -6.24 -36.76
CA THR E 165 18.68 -6.77 -37.30
C THR E 165 18.59 -6.76 -38.82
N VAL E 166 19.73 -6.53 -39.49
CA VAL E 166 19.80 -6.49 -40.94
C VAL E 166 20.91 -7.41 -41.39
N SER E 167 20.66 -8.18 -42.44
CA SER E 167 21.71 -8.93 -43.11
C SER E 167 21.59 -8.67 -44.61
N TRP E 168 22.59 -9.12 -45.37
CA TRP E 168 22.56 -9.00 -46.82
C TRP E 168 22.67 -10.38 -47.43
N ASN E 169 21.83 -10.65 -48.43
CA ASN E 169 21.85 -11.92 -49.14
C ASN E 169 21.84 -13.10 -48.18
N SER E 170 20.95 -13.04 -47.19
CA SER E 170 20.79 -14.10 -46.19
C SER E 170 22.11 -14.42 -45.50
N GLY E 171 22.92 -13.40 -45.27
CA GLY E 171 24.19 -13.55 -44.60
C GLY E 171 25.35 -13.95 -45.49
N ALA E 172 25.12 -14.12 -46.79
CA ALA E 172 26.21 -14.46 -47.70
C ALA E 172 27.11 -13.26 -47.97
N LEU E 173 26.56 -12.06 -47.92
CA LEU E 173 27.31 -10.81 -48.13
C LEU E 173 27.55 -10.16 -46.76
N THR E 174 28.79 -10.19 -46.30
CA THR E 174 29.15 -9.54 -45.05
C THR E 174 30.28 -8.52 -45.19
N SER E 175 31.17 -8.70 -46.16
CA SER E 175 32.29 -7.79 -46.34
C SER E 175 31.80 -6.43 -46.81
N GLY E 176 32.31 -5.36 -46.18
CA GLY E 176 31.92 -4.02 -46.55
C GLY E 176 30.55 -3.59 -46.10
N VAL E 177 29.89 -4.35 -45.22
CA VAL E 177 28.56 -3.99 -44.73
C VAL E 177 28.69 -3.09 -43.51
N HIS E 178 27.97 -1.97 -43.52
CA HIS E 178 27.84 -1.12 -42.35
C HIS E 178 26.37 -0.93 -42.06
N THR E 179 25.93 -1.44 -40.91
CA THR E 179 24.58 -1.23 -40.42
C THR E 179 24.67 -0.24 -39.26
N PHE E 180 24.14 0.97 -39.47
CA PHE E 180 24.29 2.04 -38.50
C PHE E 180 23.36 1.86 -37.30
N PRO E 181 23.76 2.35 -36.13
CA PRO E 181 22.84 2.41 -34.98
C PRO E 181 21.59 3.22 -35.33
N ALA E 182 20.45 2.77 -34.80
CA ALA E 182 19.20 3.49 -35.01
C ALA E 182 19.26 4.88 -34.38
N VAL E 183 18.49 5.80 -34.96
CA VAL E 183 18.23 7.08 -34.33
C VAL E 183 16.76 7.13 -33.98
N LEU E 184 16.45 7.80 -32.88
CA LEU E 184 15.08 8.08 -32.49
C LEU E 184 14.62 9.34 -33.22
N GLN E 185 13.55 9.23 -34.00
CA GLN E 185 13.06 10.37 -34.74
C GLN E 185 12.10 11.16 -33.88
N SER E 186 11.85 12.41 -34.29
CA SER E 186 10.95 13.26 -33.53
C SER E 186 9.53 12.71 -33.48
N SER E 187 9.17 11.82 -34.40
CA SER E 187 7.87 11.14 -34.39
C SER E 187 7.75 10.08 -33.30
N GLY E 188 8.84 9.74 -32.63
CA GLY E 188 8.84 8.63 -31.69
C GLY E 188 9.16 7.29 -32.30
N LEU E 189 9.39 7.21 -33.60
CA LEU E 189 9.75 5.97 -34.27
C LEU E 189 11.24 5.95 -34.57
N TYR E 190 11.81 4.76 -34.60
CA TYR E 190 13.23 4.58 -34.90
C TYR E 190 13.45 4.42 -36.41
N SER E 191 14.70 4.63 -36.81
CA SER E 191 15.11 4.52 -38.20
C SER E 191 16.62 4.27 -38.24
N LEU E 192 17.04 3.49 -39.24
CA LEU E 192 18.46 3.27 -39.50
C LEU E 192 18.64 2.90 -40.97
N SER E 193 19.88 2.97 -41.42
CA SER E 193 20.18 2.44 -42.75
C SER E 193 21.32 1.44 -42.65
N SER E 194 21.36 0.56 -43.63
CA SER E 194 22.41 -0.44 -43.78
C SER E 194 22.96 -0.27 -45.18
N VAL E 195 24.28 -0.11 -45.31
CA VAL E 195 24.90 0.09 -46.62
C VAL E 195 25.97 -0.96 -46.81
N VAL E 196 26.31 -1.20 -48.08
CA VAL E 196 27.41 -2.09 -48.43
C VAL E 196 28.06 -1.54 -49.69
N THR E 197 29.38 -1.69 -49.81
CA THR E 197 30.10 -1.32 -51.02
C THR E 197 30.41 -2.58 -51.81
N VAL E 198 30.20 -2.51 -53.12
CA VAL E 198 30.33 -3.66 -54.00
C VAL E 198 31.06 -3.24 -55.27
N PRO E 199 31.64 -4.19 -56.00
CA PRO E 199 32.26 -3.85 -57.29
C PRO E 199 31.23 -3.30 -58.27
N SER E 200 31.57 -2.15 -58.86
CA SER E 200 30.66 -1.50 -59.80
C SER E 200 30.30 -2.42 -60.98
N SER E 201 31.22 -3.29 -61.39
CA SER E 201 30.98 -4.19 -62.50
C SER E 201 29.95 -5.27 -62.20
N SER E 202 29.64 -5.52 -60.92
CA SER E 202 28.72 -6.59 -60.55
C SER E 202 27.27 -6.13 -60.52
N LEU E 203 26.99 -4.85 -60.73
CA LEU E 203 25.64 -4.32 -60.50
C LEU E 203 24.63 -4.91 -61.46
N GLY E 204 25.05 -5.29 -62.66
CA GLY E 204 24.14 -5.79 -63.68
C GLY E 204 23.88 -7.27 -63.65
N THR E 205 24.57 -8.02 -62.78
CA THR E 205 24.39 -9.47 -62.70
C THR E 205 24.15 -9.95 -61.28
N GLN E 206 24.78 -9.33 -60.29
CA GLN E 206 24.65 -9.78 -58.90
C GLN E 206 23.40 -9.18 -58.26
N THR E 207 22.60 -10.03 -57.63
CA THR E 207 21.41 -9.58 -56.92
C THR E 207 21.77 -9.24 -55.48
N TYR E 208 21.29 -8.08 -55.00
CA TYR E 208 21.52 -7.63 -53.64
C TYR E 208 20.19 -7.46 -52.93
N ILE E 209 20.04 -8.18 -51.82
CA ILE E 209 18.79 -8.24 -51.05
C ILE E 209 19.13 -8.01 -49.59
N CYS E 210 18.46 -7.05 -48.95
CA CYS E 210 18.63 -6.86 -47.52
C CYS E 210 17.51 -7.56 -46.77
N ASN E 211 17.89 -8.29 -45.72
CA ASN E 211 16.97 -9.07 -44.89
C ASN E 211 16.79 -8.33 -43.58
N VAL E 212 15.55 -7.92 -43.30
CA VAL E 212 15.24 -7.06 -42.15
C VAL E 212 14.37 -7.86 -41.20
N ASN E 213 14.83 -8.01 -39.95
CA ASN E 213 14.08 -8.76 -38.94
C ASN E 213 13.72 -7.81 -37.81
N HIS E 214 12.43 -7.72 -37.49
CA HIS E 214 11.95 -6.92 -36.38
C HIS E 214 11.14 -7.84 -35.48
N LYS E 215 11.82 -8.52 -34.56
CA LYS E 215 11.15 -9.45 -33.66
C LYS E 215 9.97 -8.84 -32.91
N PRO E 216 10.04 -7.62 -32.36
CA PRO E 216 8.87 -7.09 -31.61
C PRO E 216 7.57 -7.10 -32.41
N SER E 217 7.59 -6.89 -33.72
CA SER E 217 6.38 -7.04 -34.51
C SER E 217 6.28 -8.40 -35.18
N ASN E 218 7.23 -9.30 -34.93
CA ASN E 218 7.23 -10.64 -35.51
C ASN E 218 7.23 -10.60 -37.03
N THR E 219 7.93 -9.62 -37.61
CA THR E 219 8.00 -9.46 -39.06
C THR E 219 9.44 -9.58 -39.54
N LYS E 220 9.64 -10.37 -40.58
CA LYS E 220 10.93 -10.57 -41.23
C LYS E 220 10.70 -10.41 -42.73
N VAL E 221 11.39 -9.44 -43.36
CA VAL E 221 11.14 -9.15 -44.77
C VAL E 221 12.44 -9.08 -45.56
N ASP E 222 12.29 -9.25 -46.87
CA ASP E 222 13.39 -9.19 -47.84
C ASP E 222 13.08 -8.14 -48.89
N LYS E 223 14.05 -7.29 -49.20
CA LYS E 223 13.90 -6.19 -50.14
C LYS E 223 15.08 -6.21 -51.11
N LYS E 224 14.79 -6.36 -52.40
CA LYS E 224 15.83 -6.29 -53.42
C LYS E 224 16.20 -4.83 -53.68
N VAL E 225 17.51 -4.58 -53.79
CA VAL E 225 18.03 -3.24 -54.07
C VAL E 225 18.64 -3.27 -55.46
N GLU E 226 18.03 -2.52 -56.40
CA GLU E 226 18.40 -2.54 -57.80
C GLU E 226 18.86 -1.16 -58.28
N PRO E 227 19.68 -1.09 -59.33
CA PRO E 227 19.98 0.20 -59.93
C PRO E 227 18.75 0.77 -60.64
N LYS E 228 18.68 2.09 -60.68
CA LYS E 228 17.60 2.73 -61.43
C LYS E 228 18.05 4.06 -62.02
N VAL F 2 29.18 15.96 -5.47
CA VAL F 2 30.54 15.69 -5.92
C VAL F 2 30.61 15.60 -7.45
N VAL F 3 31.38 16.51 -8.06
CA VAL F 3 31.57 16.54 -9.51
C VAL F 3 32.80 15.72 -9.87
N MET F 4 32.63 14.76 -10.77
CA MET F 4 33.72 13.93 -11.28
C MET F 4 34.05 14.37 -12.70
N THR F 5 35.33 14.69 -12.94
CA THR F 5 35.77 15.18 -14.24
C THR F 5 36.83 14.25 -14.81
N GLN F 6 36.52 13.63 -15.94
CA GLN F 6 37.44 12.73 -16.62
C GLN F 6 38.08 13.43 -17.80
N SER F 7 39.36 13.11 -18.04
CA SER F 7 40.06 13.67 -19.18
C SER F 7 41.08 12.65 -19.65
N PRO F 8 41.33 12.56 -20.97
CA PRO F 8 40.60 13.34 -21.98
C PRO F 8 39.25 12.70 -22.26
N LEU F 9 38.43 13.30 -23.11
CA LEU F 9 37.18 12.67 -23.50
C LEU F 9 37.43 11.46 -24.39
N SER F 10 38.50 11.48 -25.18
CA SER F 10 38.80 10.40 -26.10
C SER F 10 40.31 10.27 -26.21
N LEU F 11 40.80 9.04 -26.25
CA LEU F 11 42.23 8.77 -26.23
C LEU F 11 42.58 7.78 -27.32
N PRO F 12 43.20 8.21 -28.42
CA PRO F 12 43.71 7.25 -29.40
C PRO F 12 44.93 6.56 -28.82
N VAL F 13 44.96 5.23 -28.89
CA VAL F 13 46.07 4.48 -28.32
C VAL F 13 46.63 3.55 -29.39
N THR F 14 47.92 3.24 -29.25
CA THR F 14 48.60 2.33 -30.14
C THR F 14 48.90 1.05 -29.40
N PRO F 15 48.35 -0.10 -29.83
CA PRO F 15 48.64 -1.35 -29.12
C PRO F 15 50.13 -1.60 -29.03
N GLY F 16 50.58 -1.98 -27.82
CA GLY F 16 51.99 -2.11 -27.54
C GLY F 16 52.60 -0.92 -26.83
N GLU F 17 51.87 0.21 -26.74
CA GLU F 17 52.30 1.42 -26.06
C GLU F 17 51.47 1.63 -24.80
N PRO F 18 52.03 2.31 -23.79
CA PRO F 18 51.26 2.60 -22.58
C PRO F 18 50.19 3.65 -22.84
N ALA F 19 49.27 3.77 -21.89
CA ALA F 19 48.21 4.77 -21.93
C ALA F 19 47.83 5.11 -20.50
N SER F 20 47.28 6.31 -20.30
CA SER F 20 46.81 6.69 -18.99
C SER F 20 45.67 7.69 -19.14
N ILE F 21 44.74 7.64 -18.20
CA ILE F 21 43.64 8.58 -18.17
C ILE F 21 43.48 9.05 -16.73
N SER F 22 42.87 10.22 -16.57
CA SER F 22 42.80 10.82 -15.25
C SER F 22 41.36 11.16 -14.88
N CYS F 23 41.13 11.27 -13.59
CA CYS F 23 39.83 11.56 -13.01
C CYS F 23 40.08 12.54 -11.88
N ARG F 24 39.35 13.66 -11.89
CA ARG F 24 39.44 14.65 -10.84
C ARG F 24 38.10 14.76 -10.14
N SER F 25 38.15 14.86 -8.83
CA SER F 25 36.95 14.99 -8.00
C SER F 25 36.91 16.38 -7.38
N SER F 26 35.73 17.00 -7.39
CA SER F 26 35.58 18.31 -6.78
C SER F 26 35.69 18.28 -5.26
N GLN F 27 35.90 17.11 -4.67
CA GLN F 27 35.95 16.97 -3.23
C GLN F 27 36.83 15.77 -2.89
N SER F 28 37.55 15.86 -1.77
CA SER F 28 38.50 14.80 -1.45
C SER F 28 37.78 13.48 -1.25
N LEU F 29 38.33 12.42 -1.82
CA LEU F 29 37.80 11.08 -1.65
C LEU F 29 38.59 10.26 -0.63
N LEU F 30 39.56 10.88 0.04
CA LEU F 30 40.38 10.20 1.03
C LEU F 30 39.61 10.11 2.34
N HIS F 31 39.37 8.89 2.80
CA HIS F 31 38.65 8.64 4.03
C HIS F 31 39.62 8.61 5.21
N SER F 32 39.08 8.78 6.41
CA SER F 32 39.92 8.74 7.61
C SER F 32 40.58 7.39 7.80
N ASN F 33 39.98 6.32 7.28
CA ASN F 33 40.60 4.99 7.33
C ASN F 33 41.76 4.82 6.35
N GLY F 34 42.08 5.84 5.56
CA GLY F 34 43.20 5.77 4.65
C GLY F 34 42.87 5.30 3.25
N TYR F 35 41.68 4.76 3.02
CA TYR F 35 41.29 4.31 1.68
C TYR F 35 40.78 5.47 0.85
N ASN F 36 41.04 5.40 -0.45
CA ASN F 36 40.51 6.33 -1.43
C ASN F 36 39.32 5.69 -2.12
N TYR F 37 38.14 6.29 -1.98
CA TYR F 37 36.91 5.66 -2.44
C TYR F 37 36.65 6.05 -3.89
N LEU F 38 37.48 5.49 -4.76
CA LEU F 38 37.47 5.77 -6.18
C LEU F 38 37.64 4.45 -6.93
N ASP F 39 36.70 4.15 -7.83
CA ASP F 39 36.76 2.93 -8.65
C ASP F 39 36.91 3.30 -10.12
N TRP F 40 37.41 2.34 -10.90
CA TRP F 40 37.47 2.42 -12.36
C TRP F 40 36.70 1.26 -12.98
N TYR F 41 35.82 1.57 -13.93
CA TYR F 41 35.08 0.55 -14.67
C TYR F 41 35.40 0.68 -16.16
N LEU F 42 35.30 -0.45 -16.87
CA LEU F 42 35.38 -0.48 -18.33
C LEU F 42 34.08 -1.04 -18.88
N GLN F 43 33.52 -0.38 -19.88
CA GLN F 43 32.37 -0.91 -20.61
C GLN F 43 32.73 -1.02 -22.09
N LYS F 44 32.77 -2.26 -22.62
CA LYS F 44 33.02 -2.45 -24.04
C LYS F 44 31.71 -2.37 -24.81
N PRO F 45 31.76 -2.02 -26.11
CA PRO F 45 30.52 -1.86 -26.88
C PRO F 45 29.57 -3.05 -26.73
N GLY F 46 28.33 -2.79 -26.34
CA GLY F 46 27.32 -3.83 -26.25
C GLY F 46 27.36 -4.68 -25.00
N GLN F 47 28.24 -4.41 -24.05
CA GLN F 47 28.42 -5.25 -22.88
C GLN F 47 28.05 -4.49 -21.61
N SER F 48 27.82 -5.23 -20.53
CA SER F 48 27.69 -4.62 -19.22
C SER F 48 29.04 -4.07 -18.78
N PRO F 49 29.06 -3.07 -17.91
CA PRO F 49 30.34 -2.61 -17.35
C PRO F 49 31.04 -3.73 -16.58
N GLN F 50 32.35 -3.59 -16.43
CA GLN F 50 33.13 -4.48 -15.60
C GLN F 50 34.09 -3.69 -14.73
N LEU F 51 34.31 -4.19 -13.51
CA LEU F 51 35.19 -3.53 -12.57
C LEU F 51 36.66 -3.80 -12.91
N LEU F 52 37.46 -2.74 -12.94
CA LEU F 52 38.90 -2.85 -13.15
C LEU F 52 39.68 -2.63 -11.85
N ILE F 53 39.44 -1.50 -11.19
CA ILE F 53 40.15 -1.06 -10.01
C ILE F 53 39.13 -0.60 -9.00
N TYR F 54 39.30 -0.98 -7.74
CA TYR F 54 38.44 -0.46 -6.69
C TYR F 54 39.28 0.13 -5.57
N LEU F 55 38.73 1.13 -4.88
CA LEU F 55 39.41 1.74 -3.75
C LEU F 55 40.78 2.28 -4.18
N GLY F 56 40.78 2.99 -5.32
CA GLY F 56 41.98 3.65 -5.81
C GLY F 56 43.00 2.82 -6.54
N SER F 57 43.43 1.70 -5.94
CA SER F 57 44.59 0.98 -6.45
C SER F 57 44.46 -0.54 -6.45
N ASN F 58 43.33 -1.10 -6.02
CA ASN F 58 43.17 -2.54 -5.91
C ASN F 58 42.61 -3.11 -7.20
N ARG F 59 43.31 -4.09 -7.79
CA ARG F 59 42.85 -4.74 -9.00
C ARG F 59 41.75 -5.74 -8.69
N ALA F 60 40.65 -5.68 -9.43
CA ALA F 60 39.61 -6.69 -9.32
C ALA F 60 40.16 -8.05 -9.75
N SER F 61 39.50 -9.11 -9.28
CA SER F 61 39.91 -10.46 -9.63
C SER F 61 39.88 -10.65 -11.14
N GLY F 62 40.89 -11.33 -11.67
CA GLY F 62 40.95 -11.62 -13.08
C GLY F 62 41.35 -10.47 -13.99
N VAL F 63 41.57 -9.28 -13.45
CA VAL F 63 42.01 -8.12 -14.23
C VAL F 63 43.52 -8.23 -14.44
N PRO F 64 44.00 -8.19 -15.68
CA PRO F 64 45.44 -8.37 -15.90
C PRO F 64 46.27 -7.27 -15.26
N ASP F 65 47.48 -7.63 -14.83
CA ASP F 65 48.35 -6.68 -14.16
C ASP F 65 48.68 -5.47 -15.03
N ARG F 66 48.37 -5.52 -16.33
CA ARG F 66 48.60 -4.37 -17.20
C ARG F 66 47.90 -3.12 -16.68
N PHE F 67 46.78 -3.29 -15.99
CA PHE F 67 46.01 -2.16 -15.47
C PHE F 67 46.46 -1.83 -14.05
N SER F 68 46.56 -0.54 -13.76
CA SER F 68 46.86 -0.12 -12.40
C SER F 68 46.24 1.25 -12.14
N GLY F 69 45.87 1.48 -10.89
CA GLY F 69 45.31 2.76 -10.48
C GLY F 69 46.17 3.39 -9.41
N SER F 70 46.27 4.72 -9.45
CA SER F 70 47.04 5.46 -8.46
C SER F 70 46.35 6.78 -8.19
N GLY F 71 46.88 7.53 -7.23
CA GLY F 71 46.35 8.81 -6.85
C GLY F 71 45.78 8.78 -5.44
N SER F 72 45.34 9.96 -4.99
CA SER F 72 44.81 10.14 -3.65
C SER F 72 44.21 11.53 -3.55
N GLY F 73 43.21 11.67 -2.68
CA GLY F 73 42.55 12.94 -2.49
C GLY F 73 41.56 13.28 -3.58
N THR F 74 41.97 14.12 -4.54
CA THR F 74 41.10 14.58 -5.60
C THR F 74 41.55 14.21 -7.00
N ASP F 75 42.78 13.71 -7.18
CA ASP F 75 43.33 13.42 -8.50
C ASP F 75 43.71 11.96 -8.58
N PHE F 76 43.19 11.26 -9.60
CA PHE F 76 43.40 9.84 -9.75
C PHE F 76 43.76 9.52 -11.19
N THR F 77 44.50 8.43 -11.35
CA THR F 77 45.01 8.04 -12.66
C THR F 77 44.84 6.53 -12.85
N LEU F 78 44.38 6.16 -14.03
CA LEU F 78 44.36 4.77 -14.49
C LEU F 78 45.41 4.61 -15.58
N LYS F 79 46.30 3.64 -15.41
CA LYS F 79 47.37 3.41 -16.36
C LYS F 79 47.26 2.00 -16.94
N ILE F 80 47.55 1.89 -18.24
CA ILE F 80 47.73 0.62 -18.93
C ILE F 80 49.18 0.56 -19.37
N SER F 81 49.94 -0.38 -18.81
CA SER F 81 51.37 -0.42 -19.08
C SER F 81 51.66 -0.75 -20.55
N ARG F 82 50.81 -1.57 -21.16
CA ARG F 82 50.97 -1.94 -22.57
C ARG F 82 49.58 -2.23 -23.12
N VAL F 83 49.08 -1.36 -24.00
CA VAL F 83 47.70 -1.47 -24.46
C VAL F 83 47.56 -2.69 -25.37
N GLU F 84 46.40 -3.34 -25.29
CA GLU F 84 46.02 -4.43 -26.18
C GLU F 84 44.76 -4.04 -26.93
N ALA F 85 44.57 -4.66 -28.10
CA ALA F 85 43.42 -4.31 -28.93
C ALA F 85 42.11 -4.51 -28.19
N GLU F 86 42.03 -5.53 -27.34
CA GLU F 86 40.82 -5.79 -26.58
C GLU F 86 40.52 -4.72 -25.52
N ASP F 87 41.38 -3.71 -25.36
CA ASP F 87 41.20 -2.69 -24.31
C ASP F 87 40.32 -1.52 -24.74
N VAL F 88 39.95 -1.43 -26.01
CA VAL F 88 39.08 -0.34 -26.46
C VAL F 88 37.71 -0.43 -25.77
N GLY F 89 37.08 0.71 -25.59
CA GLY F 89 35.83 0.81 -24.87
C GLY F 89 35.79 2.12 -24.11
N VAL F 90 34.80 2.25 -23.24
CA VAL F 90 34.60 3.46 -22.44
C VAL F 90 34.98 3.18 -20.99
N TYR F 91 35.90 3.97 -20.45
CA TYR F 91 36.35 3.86 -19.07
C TYR F 91 35.63 4.91 -18.21
N TYR F 92 35.07 4.47 -17.09
CA TYR F 92 34.36 5.33 -16.15
C TYR F 92 35.03 5.24 -14.80
N CYS F 93 35.28 6.40 -14.18
CA CYS F 93 35.59 6.42 -12.77
C CYS F 93 34.30 6.60 -11.98
N MET F 94 34.35 6.24 -10.71
CA MET F 94 33.19 6.34 -9.85
C MET F 94 33.67 6.64 -8.45
N GLN F 95 33.18 7.72 -7.87
CA GLN F 95 33.44 7.98 -6.47
C GLN F 95 32.45 7.16 -5.66
N ALA F 96 32.94 6.51 -4.59
CA ALA F 96 32.15 5.61 -3.77
C ALA F 96 31.91 6.17 -2.37
N LEU F 97 31.91 7.49 -2.25
CA LEU F 97 31.64 8.16 -0.98
C LEU F 97 30.16 8.50 -0.89
N GLN F 98 29.54 8.14 0.23
CA GLN F 98 28.12 8.39 0.41
C GLN F 98 27.34 7.93 -0.81
N THR F 99 26.71 8.86 -1.52
CA THR F 99 25.99 8.55 -2.75
C THR F 99 26.97 8.40 -3.90
N PRO F 100 27.12 7.20 -4.48
CA PRO F 100 28.06 7.03 -5.60
C PRO F 100 27.70 7.87 -6.80
N ALA F 101 28.72 8.30 -7.54
CA ALA F 101 28.49 9.04 -8.78
C ALA F 101 29.59 8.72 -9.78
N PHE F 102 29.20 8.44 -11.01
CA PHE F 102 30.11 8.15 -12.09
C PHE F 102 30.58 9.44 -12.76
N GLY F 103 31.86 9.46 -13.14
CA GLY F 103 32.32 10.46 -14.09
C GLY F 103 31.75 10.18 -15.49
N GLY F 104 32.05 11.09 -16.41
CA GLY F 104 31.38 11.08 -17.70
C GLY F 104 31.91 10.07 -18.69
N GLY F 105 33.04 9.43 -18.40
CA GLY F 105 33.59 8.41 -19.26
C GLY F 105 34.69 8.95 -20.18
N THR F 106 35.65 8.07 -20.50
CA THR F 106 36.73 8.33 -21.45
C THR F 106 36.76 7.19 -22.45
N LYS F 107 36.65 7.51 -23.73
CA LYS F 107 36.67 6.48 -24.77
C LYS F 107 38.10 6.21 -25.24
N LEU F 108 38.53 4.96 -25.20
CA LEU F 108 39.80 4.56 -25.81
C LEU F 108 39.52 3.97 -27.19
N GLU F 109 40.22 4.48 -28.21
CA GLU F 109 40.09 4.04 -29.59
C GLU F 109 41.49 3.75 -30.16
N ILE F 110 41.52 2.98 -31.25
CA ILE F 110 42.80 2.64 -31.89
C ILE F 110 43.26 3.80 -32.76
N LYS F 111 44.51 4.22 -32.58
CA LYS F 111 45.10 5.24 -33.44
C LYS F 111 45.54 4.64 -34.76
N ARG F 112 45.29 5.38 -35.85
CA ARG F 112 45.79 5.02 -37.17
C ARG F 112 46.05 6.30 -37.95
N THR F 113 46.57 6.14 -39.16
CA THR F 113 46.81 7.28 -40.04
C THR F 113 45.48 7.88 -40.51
N VAL F 114 45.55 9.15 -40.90
CA VAL F 114 44.39 9.87 -41.41
C VAL F 114 43.89 9.20 -42.68
N ALA F 115 42.58 8.98 -42.77
CA ALA F 115 41.96 8.40 -43.95
C ALA F 115 40.75 9.25 -44.31
N ALA F 116 40.73 9.77 -45.54
CA ALA F 116 39.60 10.58 -45.95
C ALA F 116 38.38 9.71 -46.24
N PRO F 117 37.19 10.23 -46.00
CA PRO F 117 35.96 9.47 -46.29
C PRO F 117 35.67 9.43 -47.78
N SER F 118 35.10 8.31 -48.23
CA SER F 118 34.41 8.27 -49.52
C SER F 118 32.98 8.71 -49.29
N VAL F 119 32.48 9.62 -50.13
CA VAL F 119 31.19 10.27 -49.92
C VAL F 119 30.21 9.81 -50.99
N PHE F 120 29.01 9.40 -50.57
CA PHE F 120 27.95 9.01 -51.49
C PHE F 120 26.65 9.69 -51.05
N ILE F 121 25.83 10.07 -52.03
CA ILE F 121 24.53 10.68 -51.76
C ILE F 121 23.44 9.83 -52.41
N PHE F 122 22.34 9.65 -51.69
CA PHE F 122 21.22 8.83 -52.15
C PHE F 122 19.94 9.66 -52.14
N PRO F 123 19.34 9.93 -53.29
CA PRO F 123 18.01 10.56 -53.32
C PRO F 123 16.97 9.64 -52.70
N PRO F 124 15.84 10.17 -52.25
CA PRO F 124 14.73 9.30 -51.86
C PRO F 124 14.26 8.48 -53.05
N SER F 125 13.88 7.23 -52.78
CA SER F 125 13.29 6.39 -53.81
C SER F 125 11.86 6.83 -54.09
N ASP F 126 11.45 6.67 -55.35
CA ASP F 126 10.05 6.89 -55.72
C ASP F 126 9.09 6.15 -54.80
N GLU F 127 9.46 4.93 -54.39
CA GLU F 127 8.64 4.17 -53.45
C GLU F 127 8.38 4.96 -52.16
N GLN F 128 9.43 5.54 -51.57
CA GLN F 128 9.23 6.30 -50.34
C GLN F 128 8.36 7.53 -50.58
N LEU F 129 8.58 8.21 -51.71
CA LEU F 129 7.82 9.41 -52.02
C LEU F 129 6.32 9.13 -52.08
N LYS F 130 5.93 7.99 -52.67
CA LYS F 130 4.52 7.65 -52.75
C LYS F 130 3.90 7.45 -51.38
N SER F 131 4.69 7.08 -50.38
CA SER F 131 4.18 6.96 -49.02
C SER F 131 4.11 8.29 -48.28
N GLY F 132 4.61 9.38 -48.88
CA GLY F 132 4.39 10.71 -48.36
C GLY F 132 5.56 11.39 -47.67
N THR F 133 6.73 10.75 -47.56
CA THR F 133 7.90 11.35 -46.93
C THR F 133 9.12 11.18 -47.84
N ALA F 134 10.16 11.97 -47.56
CA ALA F 134 11.40 11.92 -48.35
C ALA F 134 12.60 11.95 -47.44
N SER F 135 13.50 10.98 -47.60
CA SER F 135 14.76 10.93 -46.86
C SER F 135 15.91 11.02 -47.85
N VAL F 136 16.85 11.92 -47.59
CA VAL F 136 18.08 12.06 -48.38
C VAL F 136 19.24 11.61 -47.50
N VAL F 137 20.03 10.66 -48.01
CA VAL F 137 21.08 10.02 -47.23
C VAL F 137 22.44 10.41 -47.79
N CYS F 138 23.32 10.87 -46.92
CA CYS F 138 24.71 11.15 -47.25
C CYS F 138 25.58 10.18 -46.44
N LEU F 139 26.40 9.41 -47.13
CA LEU F 139 27.22 8.36 -46.52
C LEU F 139 28.67 8.77 -46.56
N LEU F 140 29.34 8.72 -45.41
CA LEU F 140 30.79 8.89 -45.30
C LEU F 140 31.39 7.54 -44.95
N ASN F 141 32.20 6.98 -45.83
CA ASN F 141 32.65 5.61 -45.66
C ASN F 141 34.13 5.55 -45.35
N ASN F 142 34.47 4.86 -44.26
CA ASN F 142 35.82 4.41 -43.90
C ASN F 142 36.80 5.58 -43.75
N PHE F 143 36.59 6.38 -42.71
CA PHE F 143 37.43 7.55 -42.48
C PHE F 143 38.02 7.51 -41.08
N TYR F 144 39.07 8.33 -40.88
CA TYR F 144 39.75 8.51 -39.60
C TYR F 144 40.50 9.84 -39.66
N PRO F 145 40.42 10.68 -38.61
CA PRO F 145 39.75 10.44 -37.31
C PRO F 145 38.23 10.60 -37.36
N ARG F 146 37.58 10.41 -36.22
CA ARG F 146 36.12 10.34 -36.20
C ARG F 146 35.48 11.69 -36.47
N GLU F 147 36.14 12.78 -36.09
CA GLU F 147 35.61 14.12 -36.29
C GLU F 147 35.33 14.39 -37.77
N ALA F 148 34.12 14.84 -38.06
CA ALA F 148 33.70 15.18 -39.41
C ALA F 148 32.51 16.13 -39.32
N LYS F 149 32.41 17.02 -40.30
CA LYS F 149 31.29 17.94 -40.41
C LYS F 149 30.54 17.66 -41.70
N VAL F 150 29.22 17.47 -41.60
CA VAL F 150 28.36 17.21 -42.75
C VAL F 150 27.23 18.21 -42.71
N GLN F 151 27.12 19.05 -43.73
CA GLN F 151 26.05 20.04 -43.82
C GLN F 151 25.23 19.82 -45.08
N TRP F 152 23.94 20.12 -44.99
CA TRP F 152 23.00 20.00 -46.09
C TRP F 152 22.63 21.38 -46.63
N LYS F 153 22.61 21.50 -47.94
CA LYS F 153 22.04 22.67 -48.61
C LYS F 153 20.95 22.22 -49.56
N VAL F 154 19.80 22.89 -49.50
CA VAL F 154 18.66 22.65 -50.39
C VAL F 154 18.46 23.92 -51.20
N ASP F 155 18.64 23.82 -52.53
CA ASP F 155 18.73 24.98 -53.41
C ASP F 155 19.60 26.08 -52.78
N ASN F 156 20.78 25.67 -52.30
CA ASN F 156 21.82 26.52 -51.75
C ASN F 156 21.50 27.06 -50.35
N ALA F 157 20.41 26.63 -49.73
CA ALA F 157 20.03 27.11 -48.39
C ALA F 157 20.56 26.15 -47.32
N LEU F 158 21.40 26.67 -46.42
CA LEU F 158 21.99 25.83 -45.37
C LEU F 158 20.88 25.32 -44.44
N GLN F 159 20.82 24.01 -44.26
CA GLN F 159 19.74 23.39 -43.51
C GLN F 159 20.12 23.25 -42.04
N SER F 160 19.11 23.32 -41.18
CA SER F 160 19.34 23.17 -39.75
C SER F 160 18.14 22.49 -39.12
N GLY F 161 18.40 21.60 -38.18
CA GLY F 161 17.36 21.02 -37.36
C GLY F 161 16.56 19.91 -38.01
N ASN F 162 16.81 19.59 -39.29
CA ASN F 162 16.04 18.56 -39.98
C ASN F 162 16.92 17.42 -40.47
N SER F 163 18.06 17.19 -39.83
CA SER F 163 18.89 16.05 -40.17
C SER F 163 19.42 15.39 -38.91
N GLN F 164 19.69 14.10 -39.02
CA GLN F 164 20.21 13.29 -37.93
C GLN F 164 21.36 12.47 -38.47
N GLU F 165 22.40 12.28 -37.66
CA GLU F 165 23.48 11.44 -38.14
C GLU F 165 23.73 10.28 -37.20
N SER F 166 24.40 9.27 -37.74
CA SER F 166 24.67 8.04 -37.03
C SER F 166 26.06 7.59 -37.44
N VAL F 167 26.83 7.09 -36.48
CA VAL F 167 28.22 6.72 -36.72
C VAL F 167 28.40 5.27 -36.26
N THR F 168 29.20 4.51 -37.01
CA THR F 168 29.46 3.13 -36.61
C THR F 168 30.49 3.09 -35.49
N GLU F 169 30.59 1.93 -34.84
CA GLU F 169 31.70 1.68 -33.96
C GLU F 169 32.97 1.52 -34.79
N GLN F 170 34.11 1.86 -34.19
CA GLN F 170 35.37 1.74 -34.91
C GLN F 170 35.55 0.31 -35.42
N ASP F 171 35.96 0.19 -36.68
CA ASP F 171 36.11 -1.13 -37.29
C ASP F 171 37.33 -1.83 -36.73
N SER F 172 37.17 -3.09 -36.30
CA SER F 172 38.26 -3.80 -35.64
C SER F 172 39.39 -4.15 -36.61
N LYS F 173 39.11 -4.20 -37.91
CA LYS F 173 40.10 -4.57 -38.91
C LYS F 173 40.95 -3.39 -39.37
N ASP F 174 40.31 -2.31 -39.83
CA ASP F 174 41.05 -1.19 -40.40
C ASP F 174 40.96 0.08 -39.57
N SER F 175 40.22 0.04 -38.44
CA SER F 175 40.21 1.13 -37.46
C SER F 175 39.57 2.40 -38.00
N THR F 176 38.69 2.27 -38.99
CA THR F 176 38.01 3.43 -39.56
C THR F 176 36.58 3.53 -39.02
N TYR F 177 35.97 4.66 -39.29
CA TYR F 177 34.57 4.92 -38.96
C TYR F 177 33.79 5.12 -40.25
N SER F 178 32.49 4.87 -40.17
CA SER F 178 31.58 5.31 -41.23
C SER F 178 30.43 6.05 -40.57
N LEU F 179 29.81 6.95 -41.35
CA LEU F 179 28.81 7.86 -40.81
C LEU F 179 27.74 8.11 -41.85
N SER F 180 26.48 8.14 -41.41
CA SER F 180 25.36 8.49 -42.25
C SER F 180 24.76 9.80 -41.76
N SER F 181 24.34 10.65 -42.69
CA SER F 181 23.55 11.83 -42.34
C SER F 181 22.28 11.80 -43.16
N THR F 182 21.14 11.91 -42.49
CA THR F 182 19.86 11.73 -43.17
C THR F 182 19.05 13.00 -43.05
N LEU F 183 18.72 13.60 -44.20
CA LEU F 183 17.88 14.78 -44.29
C LEU F 183 16.43 14.35 -44.48
N THR F 184 15.55 14.74 -43.55
CA THR F 184 14.14 14.35 -43.58
C THR F 184 13.29 15.54 -44.01
N LEU F 185 12.56 15.37 -45.12
CA LEU F 185 11.67 16.40 -45.63
C LEU F 185 10.30 15.78 -45.90
N SER F 186 9.27 16.61 -45.87
CA SER F 186 7.98 16.15 -46.37
C SER F 186 8.05 16.01 -47.89
N LYS F 187 7.17 15.17 -48.42
CA LYS F 187 7.08 15.02 -49.88
C LYS F 187 6.84 16.37 -50.54
N ALA F 188 5.90 17.16 -49.99
CA ALA F 188 5.61 18.47 -50.58
C ALA F 188 6.83 19.39 -50.55
N ASP F 189 7.58 19.40 -49.44
CA ASP F 189 8.77 20.24 -49.38
C ASP F 189 9.87 19.72 -50.30
N TYR F 190 10.03 18.40 -50.38
CA TYR F 190 11.06 17.82 -51.25
C TYR F 190 10.83 18.21 -52.70
N GLU F 191 9.56 18.24 -53.13
CA GLU F 191 9.25 18.51 -54.52
C GLU F 191 9.21 19.99 -54.85
N LYS F 192 9.34 20.86 -53.84
CA LYS F 192 9.44 22.30 -54.08
C LYS F 192 10.84 22.74 -54.48
N HIS F 193 11.85 21.86 -54.39
CA HIS F 193 13.23 22.26 -54.57
C HIS F 193 13.92 21.33 -55.56
N LYS F 194 15.01 21.82 -56.14
CA LYS F 194 15.74 21.08 -57.17
C LYS F 194 17.09 20.55 -56.73
N VAL F 195 17.95 21.39 -56.15
CA VAL F 195 19.33 21.01 -55.88
C VAL F 195 19.47 20.56 -54.43
N TYR F 196 19.92 19.32 -54.24
CA TYR F 196 20.20 18.74 -52.93
C TYR F 196 21.69 18.41 -52.83
N ALA F 197 22.34 18.89 -51.78
CA ALA F 197 23.78 18.71 -51.64
C ALA F 197 24.16 18.45 -50.19
N CYS F 198 25.03 17.46 -49.98
CA CYS F 198 25.74 17.35 -48.71
C CYS F 198 27.20 17.75 -48.92
N GLU F 199 27.72 18.51 -47.96
CA GLU F 199 29.08 19.02 -47.99
C GLU F 199 29.81 18.44 -46.78
N VAL F 200 30.94 17.79 -47.05
CA VAL F 200 31.68 17.04 -46.04
C VAL F 200 33.02 17.73 -45.83
N THR F 201 33.32 18.07 -44.58
CA THR F 201 34.63 18.56 -44.16
C THR F 201 35.30 17.51 -43.30
N HIS F 202 36.59 17.29 -43.50
CA HIS F 202 37.33 16.26 -42.77
C HIS F 202 38.81 16.52 -42.91
N GLN F 203 39.58 16.08 -41.91
CA GLN F 203 41.02 16.32 -41.90
C GLN F 203 41.70 15.70 -43.12
N GLY F 204 41.19 14.58 -43.63
CA GLY F 204 41.83 13.92 -44.77
C GLY F 204 41.53 14.55 -46.12
N LEU F 205 40.65 15.55 -46.17
CA LEU F 205 40.28 16.23 -47.41
C LEU F 205 40.93 17.61 -47.43
N SER F 206 41.64 17.92 -48.52
CA SER F 206 42.31 19.22 -48.60
C SER F 206 41.31 20.36 -48.64
N SER F 207 40.10 20.11 -49.14
CA SER F 207 39.02 21.09 -49.14
C SER F 207 37.72 20.33 -49.01
N PRO F 208 36.62 21.00 -48.63
CA PRO F 208 35.35 20.28 -48.45
C PRO F 208 34.87 19.66 -49.75
N VAL F 209 34.33 18.46 -49.64
CA VAL F 209 33.82 17.69 -50.76
C VAL F 209 32.30 17.80 -50.75
N THR F 210 31.72 18.09 -51.92
CA THR F 210 30.27 18.20 -52.07
C THR F 210 29.79 17.13 -53.02
N LYS F 211 28.78 16.36 -52.60
CA LYS F 211 28.04 15.48 -53.49
C LYS F 211 26.62 16.02 -53.60
N SER F 212 26.07 16.00 -54.80
CA SER F 212 24.79 16.66 -55.02
C SER F 212 24.03 15.93 -56.13
N PHE F 213 22.73 16.18 -56.17
CA PHE F 213 21.92 15.73 -57.29
C PHE F 213 20.83 16.77 -57.54
N ASN F 214 20.29 16.75 -58.76
CA ASN F 214 19.13 17.53 -59.12
C ASN F 214 17.91 16.62 -59.09
N ARG F 215 16.88 17.06 -58.36
CA ARG F 215 15.65 16.27 -58.24
C ARG F 215 15.15 15.87 -59.62
N GLY F 216 14.95 14.58 -59.81
CA GLY F 216 14.62 14.04 -61.12
C GLY F 216 15.82 13.35 -61.74
#